data_7LM9
#
_entry.id   7LM9
#
_cell.length_a   237.997
_cell.length_b   71.877
_cell.length_c   49.241
_cell.angle_alpha   90.000
_cell.angle_beta   90.780
_cell.angle_gamma   90.000
#
_symmetry.space_group_name_H-M   'C 1 2 1'
#
loop_
_entity.id
_entity.type
_entity.pdbx_description
1 polymer 'Spike glycoprotein'
2 polymer 'CV38-142 Fab heavy chain'
3 polymer 'CV38-142 Fab light chain'
4 branched beta-D-mannopyranose-(1-4)-2-acetamido-2-deoxy-beta-D-glucopyranose-(1-4)-[alpha-L-fucopyranose-(1-6)]2-acetamido-2-deoxy-beta-D-glucopyranose
5 non-polymer 1,2-ETHANEDIOL
6 water water
#
loop_
_entity_poly.entity_id
_entity_poly.type
_entity_poly.pdbx_seq_one_letter_code
_entity_poly.pdbx_strand_id
1 'polypeptide(L)'
;RVVPSGDVVRFPNITNLCPFGEVFNATKFPSVYAWERKKISNCVADYSVLYNSTFFSTFKCYGVSATKLNDLCFSNVYAD
SFVVKGDDVRQIAPGQTGVIADYNYKLPDDFMGCVLAWNTRNIDATSTGNHNYKYRYLRHGKLRPFERDISNVPFSPDGK
PCTPPALNCYWPLNDYGFYTTTGIGYQPYRVVVLSFELLNAPATVCGPKLSTDLIKNQCVNFSGHHHHHH
;
A
2 'polypeptide(L)'
;EVQLVQSGAEVKKPGESLKISCQGSGYSFTSYWIGWVRQMPGKGLEWMGIIYPGESDTRYSSSFQGHVTISADKSISTAY
LQWSSLKASDTAMYYCARIRGVYSSGWIGGDYWGQGTLVTVSSASTKGPSVFPLAPSSKSTSGGTAALGCLVKDYFPEPV
TVSWNSGALTSGVHTFPAVLQSSGLYSLSSVVTVPSSSLGTQTYICNVNHKPSNTKVDKKVEPKSC
;
H
3 'polypeptide(L)'
;DIQMTQSPSSLSASVGDRVTITCRASQSISSYLNWYQQKPGKAPKLLIYAASSLQSGVPSRFSGSGSGTDFTLTISSLQP
EDFATYYCQQSYSTPRQWTFGQGTKVEIKRTVAAPSVFIFPPSDEQLKSGTASVVCLLNNFYPREAKVQWKVDNALQSGN
SQESVTEQDSKDSTYSLSSTLTLSKADYEKHKVYACEVTHQGLSSPVTKSFNRGECS
;
L
#
# COMPACT_ATOMS: atom_id res chain seq x y z
N THR A 15 37.92 -2.03 11.44
CA THR A 15 37.10 -3.10 10.90
C THR A 15 35.91 -2.58 10.09
N ASN A 16 35.17 -1.66 10.70
CA ASN A 16 33.86 -1.28 10.20
C ASN A 16 33.98 -0.24 9.10
N LEU A 17 33.01 -0.25 8.20
CA LEU A 17 32.99 0.68 7.09
C LEU A 17 32.50 2.04 7.57
N CYS A 18 33.07 3.09 6.99
CA CYS A 18 32.64 4.41 7.38
C CYS A 18 31.19 4.60 6.94
N PRO A 19 30.39 5.30 7.73
CA PRO A 19 28.94 5.38 7.45
C PRO A 19 28.60 6.49 6.45
N PHE A 20 29.19 6.42 5.25
CA PHE A 20 28.88 7.44 4.27
C PHE A 20 27.41 7.38 3.85
N GLY A 21 26.80 6.19 3.90
CA GLY A 21 25.40 6.10 3.51
C GLY A 21 24.49 6.91 4.41
N GLU A 22 24.81 6.95 5.71
CA GLU A 22 24.01 7.73 6.63
C GLU A 22 24.09 9.21 6.34
N VAL A 23 25.21 9.67 5.79
CA VAL A 23 25.34 11.06 5.39
C VAL A 23 24.67 11.29 4.04
N PHE A 24 25.08 10.56 3.00
CA PHE A 24 24.61 10.89 1.65
C PHE A 24 23.15 10.56 1.44
N ASN A 25 22.63 9.52 2.12
CA ASN A 25 21.27 9.07 1.98
C ASN A 25 20.39 9.47 3.15
N ALA A 26 20.77 10.50 3.91
CA ALA A 26 19.98 10.93 5.05
C ALA A 26 18.64 11.44 4.56
N THR A 27 17.56 11.15 5.31
CA THR A 27 16.26 11.66 4.92
C THR A 27 16.21 13.17 4.92
N LYS A 28 16.71 13.80 5.99
CA LYS A 28 16.55 15.24 6.19
C LYS A 28 17.92 15.90 6.03
N PHE A 29 17.99 16.93 5.19
CA PHE A 29 19.15 17.81 5.11
C PHE A 29 18.80 19.18 5.66
N PRO A 30 19.79 19.89 6.20
CA PRO A 30 19.53 21.21 6.80
C PRO A 30 19.63 22.34 5.79
N SER A 31 19.05 23.48 6.17
CA SER A 31 19.37 24.75 5.49
C SER A 31 20.86 25.06 5.54
N VAL A 32 21.32 25.72 4.49
CA VAL A 32 22.75 26.05 4.39
C VAL A 32 23.22 26.95 5.55
N TYR A 33 22.38 27.87 6.04
CA TYR A 33 22.89 28.71 7.15
C TYR A 33 23.07 27.86 8.40
N ALA A 34 22.30 26.78 8.53
CA ALA A 34 22.36 25.89 9.68
C ALA A 34 23.01 24.56 9.31
N TRP A 35 24.03 24.63 8.47
CA TRP A 35 24.65 23.42 7.95
C TRP A 35 25.14 22.52 9.08
N GLU A 36 25.16 21.21 8.82
CA GLU A 36 25.47 20.25 9.87
C GLU A 36 26.70 19.45 9.51
N ARG A 37 27.44 19.04 10.54
CA ARG A 37 28.72 18.36 10.37
C ARG A 37 28.70 17.01 11.07
N LYS A 38 29.20 15.97 10.39
CA LYS A 38 29.41 14.66 10.98
C LYS A 38 30.90 14.36 10.96
N LYS A 39 31.44 13.96 12.12
CA LYS A 39 32.83 13.52 12.19
C LYS A 39 32.88 12.05 11.83
N ILE A 40 33.82 11.69 10.96
CA ILE A 40 34.00 10.29 10.56
C ILE A 40 35.39 9.87 11.02
N SER A 41 35.45 8.77 11.78
CA SER A 41 36.66 8.39 12.48
C SER A 41 36.72 6.88 12.61
N ASN A 42 37.94 6.37 12.78
CA ASN A 42 38.15 4.98 13.16
C ASN A 42 37.32 4.03 12.31
N CYS A 43 37.50 4.12 11.00
CA CYS A 43 36.75 3.26 10.10
C CYS A 43 37.49 3.14 8.78
N VAL A 44 37.02 2.18 7.99
CA VAL A 44 37.51 1.92 6.65
C VAL A 44 36.58 2.63 5.69
N ALA A 45 37.12 3.56 4.92
CA ALA A 45 36.34 4.32 3.94
C ALA A 45 36.61 3.74 2.57
N ASP A 46 35.56 3.36 1.85
CA ASP A 46 35.68 2.96 0.45
C ASP A 46 35.07 4.08 -0.36
N TYR A 47 35.90 5.00 -0.82
CA TYR A 47 35.38 6.15 -1.53
C TYR A 47 34.89 5.83 -2.92
N SER A 48 35.12 4.60 -3.41
CA SER A 48 34.61 4.26 -4.73
C SER A 48 33.08 4.18 -4.75
N VAL A 49 32.44 4.04 -3.58
CA VAL A 49 31.00 4.19 -3.51
C VAL A 49 30.57 5.56 -4.01
N LEU A 50 31.45 6.55 -3.89
CA LEU A 50 31.20 7.90 -4.41
C LEU A 50 31.71 8.05 -5.85
N TYR A 51 33.02 7.86 -6.06
CA TYR A 51 33.65 8.27 -7.31
C TYR A 51 33.40 7.30 -8.46
N ASN A 52 33.03 6.05 -8.18
CA ASN A 52 32.70 5.13 -9.24
C ASN A 52 31.20 5.15 -9.56
N SER A 53 30.51 6.20 -9.16
CA SER A 53 29.13 6.40 -9.55
C SER A 53 29.03 7.61 -10.47
N THR A 54 28.02 7.61 -11.33
CA THR A 54 27.82 8.65 -12.34
C THR A 54 26.84 9.71 -11.90
N PHE A 55 26.47 9.68 -10.62
CA PHE A 55 25.25 10.30 -10.14
C PHE A 55 25.40 11.78 -9.79
N PHE A 56 26.57 12.20 -9.32
CA PHE A 56 26.73 13.56 -8.83
C PHE A 56 26.81 14.57 -9.96
N SER A 57 26.13 15.70 -9.79
CA SER A 57 26.26 16.78 -10.76
C SER A 57 27.55 17.56 -10.53
N THR A 58 28.02 17.60 -9.30
CA THR A 58 29.27 18.24 -8.91
C THR A 58 30.06 17.23 -8.11
N PHE A 59 31.34 17.02 -8.49
CA PHE A 59 32.22 16.17 -7.69
C PHE A 59 33.59 16.77 -7.93
N LYS A 60 33.95 17.76 -7.11
CA LYS A 60 35.18 18.52 -7.29
C LYS A 60 36.07 18.36 -6.08
N CYS A 61 37.32 17.96 -6.30
CA CYS A 61 38.23 17.79 -5.19
C CYS A 61 39.32 18.83 -5.24
N TYR A 62 39.83 19.17 -4.05
CA TYR A 62 40.81 20.22 -3.86
C TYR A 62 41.93 19.64 -3.02
N GLY A 63 43.17 19.77 -3.51
CA GLY A 63 44.27 19.18 -2.78
C GLY A 63 44.39 17.69 -2.86
N VAL A 64 43.48 17.01 -3.55
CA VAL A 64 43.48 15.56 -3.57
C VAL A 64 42.76 15.13 -4.84
N SER A 65 43.13 13.98 -5.36
CA SER A 65 42.46 13.40 -6.51
C SER A 65 41.41 12.39 -6.05
N ALA A 66 40.19 12.57 -6.55
CA ALA A 66 39.08 11.73 -6.16
C ALA A 66 39.44 10.25 -6.29
N THR A 67 39.93 9.85 -7.46
CA THR A 67 40.14 8.43 -7.72
C THR A 67 41.34 7.86 -7.00
N LYS A 68 42.07 8.68 -6.25
CA LYS A 68 43.17 8.22 -5.43
C LYS A 68 42.82 8.16 -3.95
N LEU A 69 41.57 8.47 -3.58
CA LEU A 69 41.23 8.55 -2.17
C LEU A 69 41.40 7.22 -1.46
N ASN A 70 41.16 6.12 -2.16
CA ASN A 70 41.31 4.85 -1.47
C ASN A 70 42.76 4.52 -1.15
N ASP A 71 43.73 5.34 -1.58
CA ASP A 71 45.15 5.12 -1.32
C ASP A 71 45.67 5.95 -0.16
N LEU A 72 44.84 6.75 0.50
CA LEU A 72 45.31 7.67 1.51
C LEU A 72 44.70 7.34 2.87
N CYS A 73 45.41 7.72 3.93
CA CYS A 73 44.92 7.66 5.29
C CYS A 73 44.85 9.08 5.83
N PHE A 74 43.80 9.37 6.59
CA PHE A 74 43.64 10.67 7.24
C PHE A 74 43.40 10.50 8.73
N SER A 75 43.69 11.59 9.46
CA SER A 75 43.42 11.62 10.90
C SER A 75 41.93 11.55 11.17
N ASN A 76 41.15 12.33 10.42
CA ASN A 76 39.70 12.37 10.51
C ASN A 76 39.16 12.85 9.18
N VAL A 77 37.90 12.54 8.93
CA VAL A 77 37.16 13.10 7.82
C VAL A 77 35.94 13.78 8.42
N TYR A 78 35.60 14.95 7.90
CA TYR A 78 34.35 15.62 8.29
C TYR A 78 33.44 15.70 7.09
N ALA A 79 32.14 15.55 7.31
CA ALA A 79 31.19 15.70 6.23
C ALA A 79 30.18 16.75 6.66
N ASP A 80 30.05 17.80 5.85
CA ASP A 80 29.10 18.89 6.07
C ASP A 80 27.99 18.77 5.06
N SER A 81 26.73 18.84 5.54
CA SER A 81 25.55 18.62 4.71
C SER A 81 24.68 19.86 4.71
N PHE A 82 24.11 20.18 3.55
CA PHE A 82 23.12 21.24 3.45
C PHE A 82 22.52 21.23 2.05
N VAL A 83 21.54 22.09 1.85
CA VAL A 83 20.89 22.32 0.56
C VAL A 83 21.09 23.76 0.09
N VAL A 84 21.34 23.93 -1.22
CA VAL A 84 21.32 25.23 -1.88
C VAL A 84 20.63 25.05 -3.23
N LYS A 85 20.25 26.16 -3.86
CA LYS A 85 19.77 26.04 -5.24
C LYS A 85 20.94 25.79 -6.19
N GLY A 86 20.61 25.25 -7.36
CA GLY A 86 21.67 24.82 -8.28
C GLY A 86 22.67 25.92 -8.61
N ASP A 87 22.17 27.13 -8.86
CA ASP A 87 23.06 28.24 -9.21
C ASP A 87 24.00 28.66 -8.09
N ASP A 88 23.76 28.22 -6.86
CA ASP A 88 24.62 28.50 -5.72
C ASP A 88 25.68 27.43 -5.43
N VAL A 89 25.61 26.26 -6.08
CA VAL A 89 26.59 25.23 -5.83
C VAL A 89 27.99 25.73 -6.16
N ARG A 90 28.12 26.59 -7.17
CA ARG A 90 29.43 27.12 -7.52
C ARG A 90 30.07 27.92 -6.39
N GLN A 91 29.28 28.43 -5.43
CA GLN A 91 29.87 29.14 -4.31
C GLN A 91 30.50 28.23 -3.28
N ILE A 92 30.24 26.91 -3.35
CA ILE A 92 30.84 25.98 -2.40
C ILE A 92 32.18 25.53 -2.97
N ALA A 93 33.13 26.46 -2.96
CA ALA A 93 34.47 26.19 -3.48
C ALA A 93 35.41 27.17 -2.81
N PRO A 94 36.71 26.84 -2.75
CA PRO A 94 37.68 27.80 -2.21
C PRO A 94 37.71 29.05 -3.08
N GLY A 95 37.81 30.19 -2.41
CA GLY A 95 37.99 31.46 -3.09
C GLY A 95 36.76 32.11 -3.66
N GLN A 96 35.56 31.61 -3.33
CA GLN A 96 34.38 32.22 -3.89
C GLN A 96 33.83 33.31 -2.98
N THR A 97 33.06 34.19 -3.59
CA THR A 97 32.27 35.17 -2.86
C THR A 97 30.85 35.11 -3.37
N GLY A 98 29.98 35.82 -2.66
CA GLY A 98 28.55 35.70 -2.83
C GLY A 98 27.88 35.45 -1.49
N VAL A 99 26.56 35.54 -1.52
CA VAL A 99 25.78 35.46 -0.29
C VAL A 99 26.00 34.14 0.41
N ILE A 100 26.11 33.05 -0.35
CA ILE A 100 26.28 31.76 0.30
C ILE A 100 27.68 31.62 0.87
N ALA A 101 28.71 31.87 0.05
CA ALA A 101 30.08 31.73 0.53
C ALA A 101 30.38 32.76 1.62
N ASP A 102 29.83 33.97 1.49
CA ASP A 102 30.17 35.04 2.44
C ASP A 102 29.42 34.88 3.76
N TYR A 103 28.12 34.52 3.71
CA TYR A 103 27.31 34.60 4.91
C TYR A 103 26.77 33.27 5.42
N ASN A 104 27.07 32.15 4.74
CA ASN A 104 26.41 30.89 5.11
C ASN A 104 27.40 29.74 5.30
N TYR A 105 28.21 29.47 4.28
CA TYR A 105 29.16 28.35 4.35
C TYR A 105 30.41 28.72 3.56
N LYS A 106 31.56 28.77 4.25
CA LYS A 106 32.80 29.31 3.69
C LYS A 106 33.89 28.25 3.74
N LEU A 107 34.43 27.91 2.60
CA LEU A 107 35.59 27.02 2.52
C LEU A 107 36.87 27.86 2.51
N PRO A 108 37.92 27.35 3.12
CA PRO A 108 39.21 28.07 3.11
C PRO A 108 39.90 27.96 1.76
N ASP A 109 40.81 28.92 1.46
CA ASP A 109 41.46 28.92 0.15
C ASP A 109 42.28 27.65 -0.06
N ASP A 110 42.87 27.14 1.01
CA ASP A 110 43.77 25.99 0.96
C ASP A 110 43.07 24.68 1.34
N PHE A 111 41.75 24.68 1.32
CA PHE A 111 40.92 23.50 1.56
C PHE A 111 41.50 22.23 0.96
N MET A 112 41.43 21.13 1.73
CA MET A 112 41.73 19.78 1.24
C MET A 112 40.46 18.96 1.42
N GLY A 113 39.84 18.58 0.31
CA GLY A 113 38.62 17.81 0.43
C GLY A 113 37.84 17.82 -0.88
N CYS A 114 36.60 17.33 -0.80
CA CYS A 114 35.79 17.25 -2.00
C CYS A 114 34.42 17.84 -1.74
N VAL A 115 33.87 18.44 -2.77
CA VAL A 115 32.51 18.94 -2.76
C VAL A 115 31.70 18.09 -3.69
N LEU A 116 30.61 17.50 -3.18
CA LEU A 116 29.70 16.67 -3.93
C LEU A 116 28.30 17.28 -3.89
N ALA A 117 27.65 17.35 -5.04
CA ALA A 117 26.29 17.85 -5.05
C ALA A 117 25.47 17.06 -6.05
N TRP A 118 24.18 16.99 -5.79
CA TRP A 118 23.28 16.31 -6.70
C TRP A 118 21.91 16.96 -6.65
N ASN A 119 21.24 16.95 -7.80
CA ASN A 119 19.90 17.50 -7.95
C ASN A 119 18.88 16.70 -7.16
N THR A 120 18.06 17.38 -6.37
CA THR A 120 17.07 16.70 -5.53
C THR A 120 15.66 17.25 -5.75
N ARG A 121 15.38 17.63 -7.00
CA ARG A 121 14.06 18.14 -7.35
CA ARG A 121 14.06 18.14 -7.37
C ARG A 121 12.92 17.30 -6.78
N ASN A 122 12.98 15.97 -6.93
CA ASN A 122 11.77 15.21 -6.58
C ASN A 122 11.70 14.88 -5.12
N ILE A 123 12.74 15.17 -4.34
CA ILE A 123 12.63 14.98 -2.91
CA ILE A 123 12.78 14.98 -2.90
C ILE A 123 12.57 16.29 -2.14
N ASP A 124 13.17 17.36 -2.65
CA ASP A 124 13.18 18.63 -1.94
C ASP A 124 12.31 19.71 -2.56
N ALA A 125 11.79 19.53 -3.78
CA ALA A 125 10.87 20.49 -4.34
C ALA A 125 9.50 19.85 -4.45
N THR A 126 8.49 20.70 -4.61
CA THR A 126 7.15 20.22 -4.87
C THR A 126 6.49 21.11 -5.90
N SER A 127 5.39 20.61 -6.47
CA SER A 127 4.67 21.42 -7.44
C SER A 127 4.11 22.68 -6.80
N THR A 128 3.78 22.62 -5.52
CA THR A 128 3.16 23.76 -4.87
C THR A 128 4.18 24.62 -4.15
N GLY A 129 5.44 24.20 -4.15
CA GLY A 129 6.56 25.00 -3.67
C GLY A 129 6.99 24.70 -2.24
N ASN A 130 8.26 24.39 -2.03
CA ASN A 130 8.80 24.12 -0.70
C ASN A 130 9.65 25.32 -0.29
N HIS A 131 9.23 26.03 0.78
CA HIS A 131 9.94 27.23 1.24
C HIS A 131 10.64 27.00 2.57
N ASN A 132 10.81 25.75 2.97
CA ASN A 132 11.37 25.49 4.29
C ASN A 132 12.88 25.66 4.35
N TYR A 133 13.59 25.61 3.23
CA TYR A 133 15.04 25.81 3.26
C TYR A 133 15.37 27.29 3.21
N LYS A 134 16.32 27.69 4.04
CA LYS A 134 16.62 29.12 4.23
C LYS A 134 18.10 29.43 3.99
N TYR A 135 18.39 30.71 3.82
CA TYR A 135 19.78 31.16 3.79
C TYR A 135 19.84 32.54 4.43
N ARG A 136 21.03 32.89 4.92
CA ARG A 136 21.25 34.20 5.51
C ARG A 136 21.65 35.17 4.41
N TYR A 137 21.01 36.33 4.36
CA TYR A 137 21.39 37.28 3.32
C TYR A 137 21.91 38.60 3.87
N LEU A 138 21.82 38.84 5.18
CA LEU A 138 22.38 40.03 5.78
C LEU A 138 23.28 39.63 6.95
N ARG A 139 24.45 40.28 7.04
CA ARG A 139 25.36 39.97 8.12
C ARG A 139 26.40 41.08 8.23
N HIS A 140 26.84 41.33 9.45
CA HIS A 140 27.96 42.22 9.72
C HIS A 140 29.23 41.39 9.61
N GLY A 141 29.82 41.38 8.42
CA GLY A 141 31.08 40.68 8.22
C GLY A 141 30.89 39.31 7.61
N LYS A 142 31.91 38.88 6.87
CA LYS A 142 31.92 37.55 6.27
C LYS A 142 32.26 36.50 7.31
N LEU A 143 31.75 35.29 7.09
CA LEU A 143 32.17 34.14 7.89
C LEU A 143 33.65 33.84 7.70
N ARG A 144 34.28 33.41 8.78
CA ARG A 144 35.55 32.72 8.66
C ARG A 144 35.29 31.34 8.07
N PRO A 145 36.31 30.71 7.45
CA PRO A 145 36.13 29.34 6.95
C PRO A 145 35.61 28.39 8.02
N PHE A 146 34.61 27.58 7.63
CA PHE A 146 33.93 26.61 8.49
C PHE A 146 33.23 27.22 9.69
N GLU A 147 33.04 28.54 9.69
CA GLU A 147 32.23 29.16 10.73
C GLU A 147 30.75 28.91 10.43
N ARG A 148 29.96 28.81 11.49
CA ARG A 148 28.51 28.63 11.37
C ARG A 148 27.84 29.70 12.19
N ASP A 149 26.83 30.35 11.61
CA ASP A 149 26.06 31.37 12.28
C ASP A 149 24.59 30.97 12.17
N ILE A 150 23.98 30.62 13.30
CA ILE A 150 22.58 30.21 13.29
C ILE A 150 21.71 31.20 14.06
N SER A 151 22.25 32.38 14.34
CA SER A 151 21.50 33.43 15.02
C SER A 151 20.38 33.95 14.13
N ASN A 152 19.40 34.59 14.76
CA ASN A 152 18.32 35.18 14.00
C ASN A 152 17.99 36.51 14.67
N VAL A 153 18.96 37.40 14.64
CA VAL A 153 18.90 38.70 15.32
C VAL A 153 18.48 39.73 14.29
N PRO A 154 17.45 40.55 14.56
CA PRO A 154 17.14 41.65 13.65
C PRO A 154 18.37 42.48 13.30
N PHE A 155 18.55 42.72 12.01
CA PHE A 155 19.75 43.32 11.46
C PHE A 155 19.50 44.79 11.16
N SER A 156 20.44 45.65 11.57
CA SER A 156 20.39 47.05 11.19
C SER A 156 21.74 47.45 10.60
N PRO A 157 21.75 48.27 9.55
CA PRO A 157 23.04 48.64 8.96
C PRO A 157 23.95 49.36 9.94
N ASP A 158 23.41 50.07 10.93
CA ASP A 158 24.27 50.78 11.88
C ASP A 158 24.75 49.88 13.02
N GLY A 159 24.37 48.61 13.02
CA GLY A 159 24.83 47.69 14.02
C GLY A 159 24.09 47.76 15.34
N LYS A 160 23.25 48.78 15.55
CA LYS A 160 22.54 48.96 16.79
C LYS A 160 21.35 48.00 16.87
N PRO A 161 20.99 47.58 18.09
CA PRO A 161 19.83 46.69 18.24
C PRO A 161 18.57 47.36 17.73
N CYS A 162 17.65 46.55 17.21
CA CYS A 162 16.39 47.06 16.71
C CYS A 162 15.31 46.00 16.90
N THR A 163 14.06 46.44 16.88
CA THR A 163 12.92 45.56 17.14
C THR A 163 11.91 45.64 16.01
N PRO A 164 11.82 44.62 15.16
CA PRO A 164 10.87 44.66 14.05
C PRO A 164 9.45 44.72 14.59
N PRO A 165 8.55 45.38 13.86
CA PRO A 165 8.82 46.04 12.58
C PRO A 165 9.26 47.47 12.75
N ALA A 166 10.33 47.85 12.08
CA ALA A 166 10.84 49.20 12.25
C ALA A 166 11.66 49.59 11.03
N LEU A 167 11.81 50.91 10.83
CA LEU A 167 12.69 51.41 9.79
C LEU A 167 14.12 50.93 10.04
N ASN A 168 14.82 50.59 8.96
CA ASN A 168 16.23 50.20 8.99
C ASN A 168 16.48 48.98 9.88
N CYS A 169 15.47 48.12 9.99
CA CYS A 169 15.55 46.89 10.76
C CYS A 169 15.06 45.76 9.87
N TYR A 170 15.83 44.68 9.77
CA TYR A 170 15.52 43.61 8.83
C TYR A 170 15.78 42.24 9.45
N TRP A 171 14.88 41.31 9.18
CA TRP A 171 15.15 39.91 9.47
C TRP A 171 16.22 39.39 8.53
N PRO A 172 17.27 38.73 9.02
CA PRO A 172 18.41 38.38 8.16
C PRO A 172 18.31 37.08 7.36
N LEU A 173 17.29 36.26 7.56
CA LEU A 173 17.17 35.01 6.81
C LEU A 173 16.11 35.17 5.74
N ASN A 174 16.34 34.50 4.61
CA ASN A 174 15.33 34.48 3.56
C ASN A 174 15.14 33.03 3.12
N ASP A 175 14.05 32.78 2.38
CA ASP A 175 13.71 31.43 1.95
C ASP A 175 14.15 31.17 0.52
N TYR A 176 14.64 29.96 0.27
CA TYR A 176 14.59 29.42 -1.07
C TYR A 176 13.16 29.00 -1.37
N GLY A 177 12.72 29.16 -2.63
CA GLY A 177 11.43 28.61 -3.01
C GLY A 177 11.65 27.52 -4.03
N PHE A 178 11.45 26.25 -3.65
CA PHE A 178 11.80 25.11 -4.50
C PHE A 178 10.53 24.54 -5.10
N TYR A 179 10.37 24.75 -6.39
CA TYR A 179 9.24 24.26 -7.17
C TYR A 179 9.78 23.27 -8.19
N THR A 180 8.97 22.28 -8.52
CA THR A 180 9.40 21.29 -9.50
C THR A 180 9.44 21.87 -10.91
N THR A 181 8.78 22.99 -11.13
CA THR A 181 8.57 23.53 -12.46
C THR A 181 9.60 24.58 -12.86
N THR A 182 10.59 24.89 -12.03
CA THR A 182 11.63 25.87 -12.37
C THR A 182 12.75 25.21 -13.16
N GLY A 183 13.61 26.06 -13.78
CA GLY A 183 14.81 25.55 -14.41
C GLY A 183 15.79 25.00 -13.39
N ILE A 184 16.78 24.21 -13.85
CA ILE A 184 17.62 23.50 -12.88
C ILE A 184 18.41 24.45 -12.01
N GLY A 185 18.72 25.66 -12.48
CA GLY A 185 19.49 26.58 -11.65
C GLY A 185 18.74 27.00 -10.39
N TYR A 186 17.42 26.88 -10.40
CA TYR A 186 16.62 27.23 -9.25
C TYR A 186 16.16 25.99 -8.49
N GLN A 187 16.51 24.80 -8.97
CA GLN A 187 16.08 23.58 -8.31
C GLN A 187 16.99 23.28 -7.10
N PRO A 188 16.51 22.51 -6.13
CA PRO A 188 17.35 22.21 -4.95
C PRO A 188 18.42 21.18 -5.27
N TYR A 189 19.59 21.40 -4.67
CA TYR A 189 20.68 20.45 -4.71
C TYR A 189 21.10 20.15 -3.28
N ARG A 190 21.27 18.87 -2.96
CA ARG A 190 21.91 18.50 -1.72
C ARG A 190 23.42 18.53 -1.95
N VAL A 191 24.14 18.94 -0.92
CA VAL A 191 25.58 19.13 -1.00
C VAL A 191 26.19 18.44 0.20
N VAL A 192 27.26 17.68 -0.02
CA VAL A 192 28.09 17.17 1.04
C VAL A 192 29.50 17.65 0.76
N VAL A 193 30.10 18.27 1.76
CA VAL A 193 31.50 18.68 1.68
C VAL A 193 32.31 17.76 2.58
N LEU A 194 33.26 17.03 2.00
CA LEU A 194 34.13 16.12 2.74
C LEU A 194 35.45 16.85 2.96
N SER A 195 35.85 16.99 4.23
CA SER A 195 37.11 17.61 4.62
C SER A 195 38.03 16.51 5.09
N PHE A 196 39.24 16.45 4.52
CA PHE A 196 40.21 15.42 4.86
C PHE A 196 41.29 16.06 5.71
N GLU A 197 41.44 15.57 6.92
CA GLU A 197 42.38 16.16 7.87
C GLU A 197 43.70 15.37 7.87
N LEU A 198 44.81 16.07 7.69
CA LEU A 198 46.14 15.54 7.91
C LEU A 198 46.69 16.21 9.17
N LEU A 199 46.82 15.45 10.25
CA LEU A 199 47.30 15.98 11.53
C LEU A 199 46.48 17.20 11.99
N PRO A 202 48.15 10.42 14.18
CA PRO A 202 47.85 9.01 13.87
C PRO A 202 46.54 8.86 13.10
N ALA A 203 46.62 8.22 11.94
CA ALA A 203 45.49 8.13 11.04
C ALA A 203 44.43 7.15 11.55
N THR A 204 43.17 7.54 11.45
CA THR A 204 42.07 6.67 11.86
C THR A 204 41.11 6.33 10.73
N VAL A 205 41.16 7.02 9.60
CA VAL A 205 40.27 6.73 8.48
C VAL A 205 41.15 6.38 7.28
N CYS A 206 41.04 5.14 6.80
CA CYS A 206 41.91 4.67 5.73
C CYS A 206 41.07 3.99 4.66
N GLY A 207 41.61 3.98 3.44
CA GLY A 207 41.04 3.19 2.37
C GLY A 207 41.21 1.70 2.64
N PRO A 208 40.58 0.87 1.81
CA PRO A 208 40.55 -0.59 2.00
C PRO A 208 41.88 -1.30 1.80
N GLU B 1 10.30 -3.16 18.36
CA GLU B 1 9.79 -3.29 17.00
C GLU B 1 9.04 -2.05 16.56
N VAL B 2 9.15 -1.73 15.27
CA VAL B 2 8.34 -0.68 14.69
C VAL B 2 6.90 -1.17 14.63
N GLN B 3 5.96 -0.35 15.12
CA GLN B 3 4.55 -0.67 14.95
C GLN B 3 3.73 0.55 14.58
N LEU B 4 2.80 0.36 13.63
CA LEU B 4 1.79 1.34 13.28
C LEU B 4 0.45 0.73 13.62
N VAL B 5 -0.32 1.39 14.48
CA VAL B 5 -1.62 0.91 14.93
C VAL B 5 -2.68 1.92 14.56
N GLN B 6 -3.64 1.48 13.72
CA GLN B 6 -4.69 2.35 13.22
C GLN B 6 -5.94 2.25 14.06
N SER B 7 -6.77 3.29 13.97
CA SER B 7 -8.05 3.31 14.64
C SER B 7 -9.01 2.30 13.96
N GLY B 8 -10.12 1.99 14.65
CA GLY B 8 -10.97 0.88 14.24
C GLY B 8 -11.88 1.21 13.07
N ALA B 9 -12.61 0.17 12.65
CA ALA B 9 -13.47 0.28 11.48
C ALA B 9 -14.53 1.36 11.69
N GLU B 10 -14.91 2.02 10.61
CA GLU B 10 -15.84 3.14 10.65
C GLU B 10 -16.99 2.85 9.69
N VAL B 11 -18.20 3.22 10.12
CA VAL B 11 -19.38 3.17 9.27
C VAL B 11 -20.07 4.53 9.38
N LYS B 12 -20.23 5.20 8.26
CA LYS B 12 -20.67 6.59 8.25
C LYS B 12 -21.71 6.78 7.16
N LYS B 13 -22.46 7.85 7.28
CA LYS B 13 -23.37 8.22 6.21
C LYS B 13 -22.74 9.29 5.33
N PRO B 14 -23.14 9.39 4.07
CA PRO B 14 -22.59 10.46 3.23
C PRO B 14 -22.87 11.84 3.82
N GLY B 15 -21.89 12.72 3.68
CA GLY B 15 -21.98 14.06 4.21
C GLY B 15 -21.40 14.22 5.59
N GLU B 16 -21.15 13.11 6.28
CA GLU B 16 -20.54 13.16 7.59
C GLU B 16 -19.03 13.41 7.46
N SER B 17 -18.49 13.97 8.53
CA SER B 17 -17.06 14.13 8.66
C SER B 17 -16.44 12.90 9.36
N LEU B 18 -15.15 12.71 9.16
CA LEU B 18 -14.49 11.54 9.72
C LEU B 18 -13.00 11.80 9.81
N LYS B 19 -12.42 11.40 10.94
CA LYS B 19 -10.99 11.51 11.14
C LYS B 19 -10.49 10.17 11.66
N ILE B 20 -9.60 9.51 10.91
CA ILE B 20 -9.01 8.26 11.37
C ILE B 20 -7.55 8.50 11.67
N SER B 21 -6.96 7.58 12.42
CA SER B 21 -5.65 7.86 13.00
C SER B 21 -4.75 6.64 12.92
N CYS B 22 -3.47 6.90 13.07
CA CYS B 22 -2.43 5.87 13.03
C CYS B 22 -1.32 6.31 13.98
N GLN B 23 -1.03 5.49 14.97
CA GLN B 23 -0.06 5.85 15.99
C GLN B 23 1.17 5.00 15.80
N GLY B 24 2.32 5.65 15.66
CA GLY B 24 3.57 4.94 15.54
C GLY B 24 4.24 4.74 16.88
N SER B 25 4.91 3.59 17.03
CA SER B 25 5.77 3.36 18.18
C SER B 25 6.99 2.55 17.77
N GLY B 26 8.00 2.55 18.63
CA GLY B 26 9.16 1.73 18.35
C GLY B 26 10.18 2.38 17.43
N TYR B 27 10.02 3.67 17.13
CA TYR B 27 10.98 4.40 16.31
C TYR B 27 10.75 5.87 16.52
N SER B 28 11.67 6.69 15.99
CA SER B 28 11.57 8.13 16.14
C SER B 28 10.53 8.68 15.16
N PHE B 29 9.34 8.99 15.68
CA PHE B 29 8.22 9.38 14.83
C PHE B 29 8.53 10.62 14.01
N THR B 30 9.34 11.55 14.54
CA THR B 30 9.66 12.77 13.83
C THR B 30 10.82 12.61 12.87
N SER B 31 11.28 11.39 12.64
CA SER B 31 12.43 11.17 11.78
C SER B 31 12.10 10.49 10.48
N TYR B 32 10.84 10.10 10.27
CA TYR B 32 10.42 9.36 9.09
C TYR B 32 9.17 9.98 8.52
N TRP B 33 9.08 10.01 7.18
CA TRP B 33 7.81 10.33 6.56
C TRP B 33 6.81 9.19 6.83
N ILE B 34 5.55 9.56 6.96
CA ILE B 34 4.48 8.58 7.16
C ILE B 34 3.34 9.01 6.27
N GLY B 35 2.62 8.03 5.72
CA GLY B 35 1.56 8.45 4.82
C GLY B 35 0.41 7.47 4.76
N TRP B 36 -0.50 7.76 3.86
CA TRP B 36 -1.77 7.04 3.79
C TRP B 36 -1.95 6.46 2.40
N VAL B 37 -2.55 5.26 2.35
CA VAL B 37 -2.79 4.52 1.10
C VAL B 37 -4.24 4.05 1.11
N ARG B 38 -4.93 4.22 0.00
CA ARG B 38 -6.32 3.78 -0.14
C ARG B 38 -6.35 2.50 -0.96
N GLN B 39 -7.23 1.57 -0.55
CA GLN B 39 -7.51 0.39 -1.37
C GLN B 39 -9.03 0.26 -1.48
N MET B 40 -9.58 0.68 -2.61
CA MET B 40 -11.01 0.57 -2.80
C MET B 40 -11.40 -0.91 -2.99
N PRO B 41 -12.67 -1.25 -2.74
CA PRO B 41 -13.07 -2.67 -2.75
C PRO B 41 -12.71 -3.36 -4.07
N GLY B 42 -11.94 -4.42 -3.96
CA GLY B 42 -11.57 -5.19 -5.12
C GLY B 42 -10.51 -4.55 -6.00
N LYS B 43 -9.92 -3.44 -5.55
CA LYS B 43 -9.01 -2.66 -6.38
C LYS B 43 -7.61 -2.71 -5.78
N GLY B 44 -6.68 -2.03 -6.46
CA GLY B 44 -5.29 -1.99 -6.05
C GLY B 44 -5.03 -0.85 -5.08
N LEU B 45 -3.76 -0.47 -4.98
CA LEU B 45 -3.29 0.49 -3.97
C LEU B 45 -3.07 1.86 -4.60
N GLU B 46 -3.39 2.89 -3.81
CA GLU B 46 -3.17 4.29 -4.24
C GLU B 46 -2.58 5.10 -3.09
N TRP B 47 -1.45 5.79 -3.33
CA TRP B 47 -1.00 6.75 -2.33
C TRP B 47 -1.97 7.93 -2.25
N MET B 48 -2.21 8.40 -1.03
CA MET B 48 -2.97 9.61 -0.81
C MET B 48 -2.08 10.80 -0.45
N GLY B 49 -1.01 10.55 0.27
CA GLY B 49 -0.05 11.60 0.59
C GLY B 49 0.79 11.16 1.76
N ILE B 50 1.81 11.98 2.06
CA ILE B 50 2.73 11.71 3.15
C ILE B 50 2.93 13.01 3.93
N ILE B 51 3.44 12.85 5.14
CA ILE B 51 3.70 13.96 6.03
C ILE B 51 4.96 13.66 6.82
N TYR B 52 5.77 14.71 7.05
CA TYR B 52 6.97 14.53 7.86
C TYR B 52 6.68 15.15 9.22
N PRO B 53 6.45 14.35 10.27
CA PRO B 53 5.96 14.93 11.53
C PRO B 53 7.02 15.80 12.17
N GLY B 54 6.58 16.86 12.83
CA GLY B 54 7.56 17.76 13.43
C GLY B 54 8.29 18.68 12.49
N GLU B 55 8.13 18.51 11.18
CA GLU B 55 8.22 19.64 10.30
C GLU B 55 6.82 19.95 9.81
N SER B 56 6.68 21.11 9.19
CA SER B 56 5.43 21.48 8.55
C SER B 56 5.65 21.12 7.09
N ASP B 57 5.23 19.90 6.73
CA ASP B 57 5.52 19.41 5.39
C ASP B 57 4.57 18.25 5.08
N THR B 58 3.48 18.56 4.40
CA THR B 58 2.55 17.54 3.91
C THR B 58 2.55 17.55 2.39
N ARG B 59 2.69 16.38 1.78
CA ARG B 59 2.80 16.27 0.33
C ARG B 59 1.70 15.33 -0.14
N TYR B 60 0.71 15.90 -0.81
CA TYR B 60 -0.44 15.07 -1.21
C TYR B 60 -0.19 14.42 -2.54
N SER B 61 -0.88 13.30 -2.77
CA SER B 61 -0.77 12.59 -4.01
C SER B 61 -1.96 12.97 -4.84
N SER B 62 -1.76 13.06 -6.16
CA SER B 62 -2.85 13.18 -7.11
C SER B 62 -3.73 14.34 -6.65
N SER B 63 -5.05 14.18 -6.62
CA SER B 63 -5.97 15.25 -6.28
C SER B 63 -6.55 15.08 -4.88
N PHE B 64 -5.88 14.34 -4.01
CA PHE B 64 -6.48 13.99 -2.74
C PHE B 64 -6.61 15.20 -1.80
N GLN B 65 -5.76 16.22 -1.94
CA GLN B 65 -5.88 17.37 -1.03
C GLN B 65 -7.24 18.05 -1.14
N GLY B 66 -7.87 17.99 -2.31
CA GLY B 66 -9.20 18.58 -2.42
C GLY B 66 -10.28 17.87 -1.63
N HIS B 67 -10.07 16.62 -1.24
CA HIS B 67 -11.11 15.91 -0.51
C HIS B 67 -10.69 15.48 0.89
N VAL B 68 -9.40 15.44 1.18
CA VAL B 68 -8.95 14.91 2.45
C VAL B 68 -7.84 15.79 3.01
N THR B 69 -7.69 15.76 4.34
CA THR B 69 -6.58 16.47 4.97
C THR B 69 -5.75 15.47 5.73
N ILE B 70 -4.45 15.51 5.49
CA ILE B 70 -3.49 14.70 6.21
C ILE B 70 -2.78 15.59 7.22
N SER B 71 -2.63 15.10 8.43
CA SER B 71 -2.03 15.93 9.47
C SER B 71 -1.36 15.00 10.46
N ALA B 72 -0.61 15.57 11.38
CA ALA B 72 0.03 14.76 12.40
C ALA B 72 0.16 15.59 13.66
N ASP B 73 0.18 14.89 14.77
CA ASP B 73 0.39 15.48 16.08
C ASP B 73 1.57 14.75 16.65
N LYS B 74 2.76 15.33 16.46
CA LYS B 74 3.97 14.65 16.88
C LYS B 74 3.95 14.41 18.38
N SER B 75 3.22 15.24 19.14
CA SER B 75 3.30 15.14 20.59
C SER B 75 2.74 13.82 21.09
N ILE B 76 1.89 13.15 20.31
CA ILE B 76 1.40 11.80 20.61
C ILE B 76 1.69 10.82 19.47
N SER B 77 2.65 11.17 18.62
CA SER B 77 3.14 10.26 17.57
C SER B 77 2.01 9.70 16.75
N THR B 78 1.09 10.57 16.33
CA THR B 78 -0.08 10.11 15.61
C THR B 78 -0.22 10.87 14.31
N ALA B 79 -0.52 10.14 13.25
CA ALA B 79 -0.87 10.72 11.96
C ALA B 79 -2.36 10.58 11.73
N TYR B 80 -2.92 11.48 10.93
CA TYR B 80 -4.35 11.47 10.74
C TYR B 80 -4.71 11.65 9.29
N LEU B 81 -5.91 11.16 8.98
CA LEU B 81 -6.54 11.35 7.68
C LEU B 81 -7.95 11.80 7.95
N GLN B 82 -8.38 12.92 7.37
CA GLN B 82 -9.70 13.39 7.73
C GLN B 82 -10.47 13.91 6.54
N TRP B 83 -11.78 13.66 6.57
CA TRP B 83 -12.69 14.13 5.55
C TRP B 83 -13.66 15.10 6.21
N SER B 84 -14.05 16.13 5.48
CA SER B 84 -15.10 16.99 6.00
C SER B 84 -16.49 16.56 5.55
N SER B 85 -16.59 15.88 4.41
CA SER B 85 -17.90 15.48 3.87
C SER B 85 -17.69 14.20 3.09
N LEU B 86 -17.99 13.07 3.72
CA LEU B 86 -17.73 11.79 3.06
C LEU B 86 -18.68 11.54 1.90
N LYS B 87 -18.20 10.74 0.96
CA LYS B 87 -19.02 10.24 -0.13
C LYS B 87 -19.02 8.72 -0.06
N ALA B 88 -20.06 8.09 -0.63
CA ALA B 88 -20.07 6.63 -0.68
C ALA B 88 -18.82 6.08 -1.34
N SER B 89 -18.27 6.79 -2.32
CA SER B 89 -17.05 6.40 -3.00
C SER B 89 -15.82 6.43 -2.11
N ASP B 90 -15.90 6.95 -0.90
CA ASP B 90 -14.80 6.85 0.04
C ASP B 90 -14.75 5.50 0.72
N THR B 91 -15.73 4.63 0.47
CA THR B 91 -15.70 3.29 1.03
C THR B 91 -14.48 2.55 0.55
N ALA B 92 -13.63 2.14 1.47
CA ALA B 92 -12.33 1.57 1.12
C ALA B 92 -11.62 1.11 2.39
N MET B 93 -10.53 0.36 2.20
CA MET B 93 -9.57 0.13 3.26
C MET B 93 -8.50 1.23 3.19
N TYR B 94 -8.14 1.78 4.35
CA TYR B 94 -7.09 2.80 4.40
C TYR B 94 -5.94 2.26 5.23
N TYR B 95 -4.71 2.37 4.69
CA TYR B 95 -3.51 1.95 5.39
C TYR B 95 -2.64 3.16 5.68
N CYS B 96 -2.02 3.16 6.84
CA CYS B 96 -0.90 4.06 7.03
C CYS B 96 0.40 3.28 6.84
N ALA B 97 1.44 3.97 6.37
CA ALA B 97 2.67 3.30 6.05
C ALA B 97 3.81 4.26 6.29
N ARG B 98 4.87 3.74 6.86
CA ARG B 98 6.07 4.52 7.10
C ARG B 98 6.94 4.46 5.87
N ILE B 99 7.44 5.60 5.40
CA ILE B 99 8.35 5.63 4.26
C ILE B 99 9.75 5.33 4.78
N ARG B 100 10.45 4.39 4.15
CA ARG B 100 11.75 3.97 4.69
C ARG B 100 12.75 5.12 4.66
N GLY B 101 12.68 5.92 3.61
CA GLY B 101 13.62 7.01 3.45
C GLY B 101 13.79 7.37 1.98
N VAL B 102 14.97 7.91 1.70
CA VAL B 102 15.35 8.33 0.35
C VAL B 102 16.75 7.79 0.07
N TYR B 103 17.12 7.87 -1.20
CA TYR B 103 18.53 7.72 -1.54
C TYR B 103 18.75 8.46 -2.84
N SER B 104 19.96 8.98 -3.00
CA SER B 104 20.30 9.65 -4.23
CA SER B 104 20.30 9.68 -4.22
C SER B 104 19.25 10.73 -4.51
N SER B 105 18.55 10.63 -5.65
N SER B 105 18.55 10.62 -5.64
CA SER B 105 17.59 11.67 -6.02
CA SER B 105 17.59 11.65 -6.07
C SER B 105 16.14 11.19 -6.00
C SER B 105 16.13 11.27 -5.86
N GLY B 106 15.83 10.11 -5.26
CA GLY B 106 14.44 9.67 -5.19
C GLY B 106 14.13 8.98 -3.88
N TRP B 107 12.99 8.31 -3.83
CA TRP B 107 12.41 7.85 -2.59
C TRP B 107 12.40 6.33 -2.53
N ILE B 108 12.21 5.85 -1.32
CA ILE B 108 11.94 4.42 -1.06
C ILE B 108 10.45 4.28 -0.75
N GLY B 109 9.93 3.09 -0.92
CA GLY B 109 8.56 2.81 -0.60
C GLY B 109 8.34 2.63 0.90
N GLY B 110 7.18 2.06 1.25
CA GLY B 110 6.77 1.96 2.64
C GLY B 110 7.27 0.70 3.29
N ASP B 111 8.07 0.82 4.36
CA ASP B 111 8.66 -0.39 4.92
C ASP B 111 7.81 -1.02 6.02
N TYR B 112 7.03 -0.23 6.74
CA TYR B 112 6.15 -0.73 7.80
C TYR B 112 4.75 -0.18 7.57
N TRP B 113 3.75 -1.05 7.77
CA TRP B 113 2.36 -0.72 7.46
C TRP B 113 1.49 -0.97 8.67
N GLY B 114 0.47 -0.13 8.82
CA GLY B 114 -0.57 -0.38 9.79
C GLY B 114 -1.45 -1.54 9.34
N GLN B 115 -2.33 -1.94 10.24
CA GLN B 115 -3.19 -3.08 9.98
C GLN B 115 -4.36 -2.75 9.07
N GLY B 116 -4.62 -1.48 8.79
CA GLY B 116 -5.71 -1.08 7.93
C GLY B 116 -6.91 -0.65 8.74
N THR B 117 -7.64 0.33 8.22
CA THR B 117 -8.91 0.80 8.76
C THR B 117 -9.96 0.70 7.66
N LEU B 118 -11.02 -0.12 7.90
CA LEU B 118 -12.10 -0.23 6.95
C LEU B 118 -13.05 0.93 7.18
N VAL B 119 -13.38 1.64 6.12
CA VAL B 119 -14.35 2.72 6.18
C VAL B 119 -15.50 2.38 5.23
N THR B 120 -16.72 2.26 5.76
CA THR B 120 -17.91 2.10 4.93
C THR B 120 -18.69 3.38 4.97
N VAL B 121 -19.01 3.94 3.80
CA VAL B 121 -19.88 5.11 3.71
C VAL B 121 -21.12 4.72 2.91
N SER B 122 -22.30 4.84 3.52
CA SER B 122 -23.53 4.42 2.89
C SER B 122 -24.69 5.13 3.53
N SER B 123 -25.74 5.35 2.74
CA SER B 123 -26.98 5.87 3.30
C SER B 123 -27.76 4.81 4.07
N ALA B 124 -27.30 3.54 4.04
CA ALA B 124 -27.99 2.46 4.74
C ALA B 124 -27.82 2.61 6.25
N SER B 125 -28.77 2.03 6.99
CA SER B 125 -28.66 2.00 8.45
C SER B 125 -28.50 0.57 8.93
N THR B 126 -27.92 0.44 10.12
CA THR B 126 -27.69 -0.85 10.74
C THR B 126 -28.94 -1.71 10.68
N LYS B 127 -28.77 -2.96 10.26
CA LYS B 127 -29.85 -3.92 10.18
C LYS B 127 -29.25 -5.31 10.32
N GLY B 128 -29.82 -6.14 11.19
CA GLY B 128 -29.37 -7.50 11.32
C GLY B 128 -29.96 -8.37 10.21
N PRO B 129 -29.31 -9.50 9.96
CA PRO B 129 -29.70 -10.34 8.83
C PRO B 129 -30.90 -11.20 9.15
N SER B 130 -31.61 -11.56 8.09
CA SER B 130 -32.51 -12.69 8.13
C SER B 130 -31.74 -13.93 7.74
N VAL B 131 -31.96 -15.04 8.45
CA VAL B 131 -31.20 -16.26 8.17
C VAL B 131 -32.16 -17.34 7.73
N PHE B 132 -31.93 -17.87 6.52
CA PHE B 132 -32.82 -18.85 5.97
C PHE B 132 -32.05 -20.13 5.70
N PRO B 133 -32.65 -21.29 5.92
CA PRO B 133 -31.93 -22.52 5.61
C PRO B 133 -31.82 -22.79 4.12
N LEU B 134 -30.70 -23.40 3.72
CA LEU B 134 -30.52 -24.01 2.39
C LEU B 134 -30.54 -25.51 2.64
N ALA B 135 -31.75 -26.09 2.64
CA ALA B 135 -31.90 -27.47 3.14
C ALA B 135 -31.50 -28.48 2.08
N PRO B 136 -30.83 -29.55 2.48
CA PRO B 136 -30.41 -30.57 1.51
C PRO B 136 -31.62 -31.36 1.04
N SER B 137 -31.61 -31.68 -0.24
CA SER B 137 -32.70 -32.41 -0.86
C SER B 137 -32.09 -33.25 -1.97
N SER B 138 -32.96 -33.95 -2.72
CA SER B 138 -32.42 -34.69 -3.84
C SER B 138 -31.82 -33.80 -4.92
N LYS B 139 -32.09 -32.48 -4.88
CA LYS B 139 -31.50 -31.54 -5.82
C LYS B 139 -30.17 -30.99 -5.33
N SER B 140 -29.76 -31.34 -4.13
CA SER B 140 -28.46 -30.89 -3.64
C SER B 140 -27.67 -32.06 -3.12
N THR B 141 -27.76 -33.18 -3.80
CA THR B 141 -26.92 -34.31 -3.50
CA THR B 141 -26.93 -34.34 -3.52
C THR B 141 -26.14 -34.69 -4.77
N SER B 142 -24.98 -35.30 -4.57
CA SER B 142 -24.09 -35.64 -5.67
C SER B 142 -23.29 -36.84 -5.17
N GLY B 143 -23.61 -38.03 -5.68
CA GLY B 143 -22.78 -39.18 -5.42
C GLY B 143 -22.57 -39.53 -3.96
N GLY B 144 -23.61 -39.46 -3.15
CA GLY B 144 -23.47 -39.76 -1.74
C GLY B 144 -23.09 -38.56 -0.88
N THR B 145 -22.82 -37.42 -1.48
CA THR B 145 -22.49 -36.18 -0.77
C THR B 145 -23.69 -35.24 -0.85
N ALA B 146 -24.02 -34.58 0.25
CA ALA B 146 -25.10 -33.61 0.25
C ALA B 146 -24.50 -32.24 0.52
N ALA B 147 -25.06 -31.22 -0.11
CA ALA B 147 -24.73 -29.84 0.21
C ALA B 147 -25.87 -29.22 1.01
N LEU B 148 -25.53 -28.38 1.99
CA LEU B 148 -26.56 -27.68 2.75
C LEU B 148 -25.96 -26.35 3.14
N GLY B 149 -26.79 -25.44 3.63
CA GLY B 149 -26.22 -24.14 3.90
C GLY B 149 -27.21 -23.24 4.61
N CYS B 150 -26.80 -21.98 4.75
CA CYS B 150 -27.66 -20.94 5.26
C CYS B 150 -27.47 -19.70 4.41
N LEU B 151 -28.57 -19.04 4.12
CA LEU B 151 -28.59 -17.79 3.39
C LEU B 151 -28.77 -16.68 4.41
N VAL B 152 -27.79 -15.80 4.47
CA VAL B 152 -27.75 -14.73 5.46
C VAL B 152 -28.03 -13.44 4.70
N LYS B 153 -29.28 -12.97 4.76
CA LYS B 153 -29.74 -11.97 3.82
C LYS B 153 -30.08 -10.65 4.48
N ASP B 154 -29.76 -9.55 3.79
CA ASP B 154 -30.30 -8.23 4.11
C ASP B 154 -29.75 -7.67 5.41
N TYR B 155 -28.42 -7.51 5.49
CA TYR B 155 -27.82 -6.91 6.68
C TYR B 155 -26.91 -5.74 6.33
N PHE B 156 -26.66 -4.91 7.34
CA PHE B 156 -25.74 -3.81 7.12
C PHE B 156 -25.22 -3.39 8.48
N PRO B 157 -23.92 -3.08 8.62
CA PRO B 157 -22.83 -3.11 7.65
C PRO B 157 -22.17 -4.49 7.67
N GLU B 158 -21.14 -4.70 6.88
CA GLU B 158 -20.31 -5.86 7.11
C GLU B 158 -19.60 -5.71 8.45
N PRO B 159 -19.12 -6.82 9.05
CA PRO B 159 -19.17 -8.21 8.59
C PRO B 159 -20.19 -9.02 9.37
N VAL B 160 -20.52 -10.18 8.82
CA VAL B 160 -21.15 -11.26 9.56
C VAL B 160 -20.15 -12.39 9.61
N THR B 161 -20.19 -13.17 10.68
CA THR B 161 -19.46 -14.42 10.67
C THR B 161 -20.44 -15.57 10.80
N VAL B 162 -20.05 -16.71 10.25
CA VAL B 162 -20.88 -17.91 10.29
C VAL B 162 -20.00 -19.04 10.75
N SER B 163 -20.51 -19.84 11.69
CA SER B 163 -19.88 -21.11 11.98
C SER B 163 -20.92 -22.18 11.82
N TRP B 164 -20.47 -23.43 11.87
CA TRP B 164 -21.34 -24.59 11.79
C TRP B 164 -21.13 -25.45 13.01
N ASN B 165 -22.25 -25.79 13.65
CA ASN B 165 -22.22 -26.63 14.84
C ASN B 165 -21.26 -26.06 15.88
N SER B 166 -21.31 -24.73 16.04
CA SER B 166 -20.57 -23.98 17.06
C SER B 166 -19.06 -24.11 16.87
N GLY B 167 -18.64 -24.38 15.66
CA GLY B 167 -17.24 -24.50 15.34
C GLY B 167 -16.75 -25.92 15.26
N ALA B 168 -17.60 -26.89 15.55
CA ALA B 168 -17.20 -28.29 15.47
C ALA B 168 -17.09 -28.75 14.01
N LEU B 169 -17.80 -28.10 13.10
CA LEU B 169 -17.80 -28.47 11.69
C LEU B 169 -17.08 -27.38 10.92
N THR B 170 -15.89 -27.73 10.41
CA THR B 170 -15.11 -26.78 9.63
C THR B 170 -14.74 -27.32 8.26
N SER B 171 -14.51 -28.64 8.17
CA SER B 171 -14.11 -29.23 6.90
CA SER B 171 -14.12 -29.25 6.91
C SER B 171 -15.25 -29.12 5.89
N GLY B 172 -14.91 -28.67 4.69
CA GLY B 172 -15.95 -28.58 3.66
C GLY B 172 -16.83 -27.35 3.72
N VAL B 173 -16.59 -26.46 4.68
CA VAL B 173 -17.38 -25.23 4.77
C VAL B 173 -16.85 -24.20 3.79
N HIS B 174 -17.74 -23.56 3.05
CA HIS B 174 -17.42 -22.36 2.28
C HIS B 174 -18.38 -21.26 2.68
N THR B 175 -17.85 -20.19 3.26
CA THR B 175 -18.66 -19.02 3.54
C THR B 175 -18.26 -17.98 2.51
N PHE B 176 -19.19 -17.60 1.69
CA PHE B 176 -18.88 -16.78 0.52
C PHE B 176 -18.70 -15.33 0.92
N PRO B 177 -17.86 -14.60 0.21
CA PRO B 177 -17.84 -13.14 0.37
C PRO B 177 -19.23 -12.55 0.15
N ALA B 178 -19.54 -11.53 0.94
CA ALA B 178 -20.82 -10.92 0.79
C ALA B 178 -20.91 -10.15 -0.52
N VAL B 179 -22.12 -10.04 -1.04
CA VAL B 179 -22.43 -9.15 -2.16
C VAL B 179 -23.29 -8.01 -1.64
N LEU B 180 -23.06 -6.83 -2.18
CA LEU B 180 -23.91 -5.68 -1.90
C LEU B 180 -25.10 -5.68 -2.85
N GLN B 181 -26.32 -5.66 -2.31
CA GLN B 181 -27.50 -5.67 -3.16
C GLN B 181 -27.89 -4.25 -3.54
N SER B 182 -28.82 -4.11 -4.49
CA SER B 182 -29.21 -2.78 -4.92
C SER B 182 -29.96 -2.01 -3.83
N SER B 183 -30.48 -2.71 -2.83
CA SER B 183 -31.09 -2.09 -1.65
C SER B 183 -30.07 -1.38 -0.75
N GLY B 184 -28.79 -1.62 -0.93
CA GLY B 184 -27.77 -1.16 -0.01
C GLY B 184 -27.47 -2.13 1.12
N LEU B 185 -28.15 -3.27 1.18
CA LEU B 185 -27.88 -4.28 2.20
C LEU B 185 -27.03 -5.38 1.61
N TYR B 186 -26.26 -6.04 2.46
CA TYR B 186 -25.41 -7.15 2.07
C TYR B 186 -26.15 -8.48 2.21
N SER B 187 -25.62 -9.49 1.54
N SER B 187 -25.66 -9.49 1.50
CA SER B 187 -26.13 -10.84 1.61
CA SER B 187 -26.15 -10.85 1.62
C SER B 187 -24.99 -11.79 1.39
C SER B 187 -24.99 -11.80 1.38
N LEU B 188 -25.01 -12.94 2.07
CA LEU B 188 -24.05 -13.98 1.76
C LEU B 188 -24.69 -15.32 2.03
N SER B 189 -24.06 -16.37 1.54
N SER B 189 -24.02 -16.38 1.60
CA SER B 189 -24.43 -17.70 1.97
CA SER B 189 -24.44 -17.72 1.95
C SER B 189 -23.21 -18.38 2.56
C SER B 189 -23.23 -18.50 2.43
N SER B 190 -23.47 -19.38 3.40
CA SER B 190 -22.45 -20.28 3.90
C SER B 190 -22.97 -21.67 3.60
N VAL B 191 -22.13 -22.52 3.00
CA VAL B 191 -22.51 -23.88 2.62
C VAL B 191 -21.50 -24.85 3.19
N VAL B 192 -21.90 -26.12 3.25
CA VAL B 192 -20.99 -27.18 3.64
C VAL B 192 -21.42 -28.44 2.90
N THR B 193 -20.47 -29.25 2.49
CA THR B 193 -20.82 -30.58 2.00
C THR B 193 -20.49 -31.64 3.04
N VAL B 194 -21.40 -32.60 3.16
CA VAL B 194 -21.28 -33.66 4.16
C VAL B 194 -21.74 -34.95 3.53
N PRO B 195 -21.43 -36.11 4.12
CA PRO B 195 -22.03 -37.35 3.61
C PRO B 195 -23.55 -37.31 3.72
N SER B 196 -24.22 -37.72 2.65
CA SER B 196 -25.69 -37.77 2.73
C SER B 196 -26.15 -38.70 3.84
N SER B 197 -25.40 -39.79 4.11
CA SER B 197 -25.76 -40.68 5.21
C SER B 197 -25.80 -39.97 6.55
N SER B 198 -25.01 -38.90 6.71
CA SER B 198 -24.94 -38.20 7.98
C SER B 198 -26.17 -37.35 8.25
N LEU B 199 -27.03 -37.13 7.24
CA LEU B 199 -28.23 -36.30 7.44
C LEU B 199 -29.17 -36.95 8.41
N GLY B 200 -29.07 -38.25 8.61
CA GLY B 200 -29.98 -38.93 9.51
C GLY B 200 -29.40 -39.12 10.90
N THR B 201 -28.13 -38.75 11.08
CA THR B 201 -27.46 -38.99 12.34
C THR B 201 -26.89 -37.73 12.98
N GLN B 202 -26.62 -36.68 12.20
CA GLN B 202 -25.91 -35.50 12.69
C GLN B 202 -26.83 -34.30 12.48
N THR B 203 -27.05 -33.54 13.55
CA THR B 203 -27.75 -32.25 13.44
C THR B 203 -26.82 -31.19 12.90
N TYR B 204 -27.31 -30.35 11.97
CA TYR B 204 -26.51 -29.28 11.39
C TYR B 204 -27.15 -27.94 11.71
N ILE B 205 -26.39 -27.07 12.37
CA ILE B 205 -26.86 -25.77 12.81
C ILE B 205 -25.87 -24.74 12.30
N CYS B 206 -26.36 -23.71 11.58
CA CYS B 206 -25.48 -22.60 11.27
C CYS B 206 -25.64 -21.53 12.35
N ASN B 207 -24.51 -20.97 12.79
CA ASN B 207 -24.47 -20.00 13.87
C ASN B 207 -24.03 -18.70 13.23
N VAL B 208 -24.92 -17.73 13.23
CA VAL B 208 -24.69 -16.47 12.52
C VAL B 208 -24.53 -15.36 13.55
N ASN B 209 -23.47 -14.57 13.41
CA ASN B 209 -23.21 -13.47 14.34
C ASN B 209 -22.96 -12.19 13.53
N HIS B 210 -23.80 -11.20 13.75
CA HIS B 210 -23.67 -9.90 13.12
C HIS B 210 -23.42 -8.97 14.30
N LYS B 211 -22.16 -8.80 14.66
CA LYS B 211 -21.84 -7.98 15.83
C LYS B 211 -22.33 -6.54 15.71
N PRO B 212 -22.33 -5.89 14.53
CA PRO B 212 -22.78 -4.49 14.50
C PRO B 212 -24.23 -4.28 14.90
N SER B 213 -25.09 -5.31 14.83
CA SER B 213 -26.46 -5.18 15.29
C SER B 213 -26.76 -6.02 16.53
N ASN B 214 -25.74 -6.64 17.12
CA ASN B 214 -25.94 -7.58 18.24
C ASN B 214 -26.97 -8.66 17.88
N THR B 215 -26.88 -9.17 16.66
CA THR B 215 -27.75 -10.26 16.21
C THR B 215 -26.98 -11.57 16.18
N LYS B 216 -27.45 -12.56 16.92
CA LYS B 216 -26.89 -13.90 16.91
C LYS B 216 -28.06 -14.84 16.69
N VAL B 217 -27.94 -15.68 15.67
CA VAL B 217 -29.00 -16.58 15.23
C VAL B 217 -28.40 -17.98 15.09
N ASP B 218 -29.06 -18.99 15.65
CA ASP B 218 -28.80 -20.38 15.27
C ASP B 218 -29.94 -20.80 14.35
N LYS B 219 -29.62 -21.44 13.23
CA LYS B 219 -30.65 -21.95 12.35
C LYS B 219 -30.36 -23.43 12.12
N LYS B 220 -31.28 -24.29 12.54
CA LYS B 220 -31.12 -25.70 12.20
C LYS B 220 -31.47 -25.91 10.75
N VAL B 221 -30.65 -26.66 10.04
CA VAL B 221 -30.88 -26.91 8.62
C VAL B 221 -31.35 -28.36 8.55
N GLU B 222 -32.66 -28.53 8.33
CA GLU B 222 -33.30 -29.84 8.39
C GLU B 222 -33.37 -30.41 7.00
N PRO B 223 -33.04 -31.70 6.84
CA PRO B 223 -33.17 -32.34 5.54
C PRO B 223 -34.60 -32.32 5.02
N LYS B 224 -34.71 -32.07 3.71
CA LYS B 224 -36.00 -32.08 3.03
C LYS B 224 -36.35 -33.50 2.63
N SER B 225 -37.66 -33.79 2.62
CA SER B 225 -38.14 -35.09 2.13
C SER B 225 -38.65 -34.90 0.70
N CYS B 226 -37.69 -34.73 -0.19
CA CYS B 226 -37.97 -34.55 -1.61
C CYS B 226 -36.66 -34.49 -2.38
N ASP C 1 2.51 12.43 -15.53
CA ASP C 1 2.11 11.24 -14.78
C ASP C 1 2.92 10.03 -15.26
N ILE C 2 3.13 9.06 -14.38
CA ILE C 2 3.88 7.85 -14.71
C ILE C 2 2.97 6.65 -14.53
N GLN C 3 2.69 5.95 -15.64
CA GLN C 3 1.87 4.74 -15.57
C GLN C 3 2.77 3.56 -15.33
N MET C 4 2.35 2.66 -14.42
CA MET C 4 3.03 1.41 -14.11
C MET C 4 2.13 0.26 -14.55
N THR C 5 2.67 -0.63 -15.38
CA THR C 5 1.90 -1.75 -15.93
C THR C 5 2.62 -3.06 -15.64
N GLN C 6 1.96 -3.98 -14.96
CA GLN C 6 2.55 -5.28 -14.64
C GLN C 6 2.10 -6.35 -15.61
N SER C 7 2.98 -7.30 -15.83
CA SER C 7 2.59 -8.47 -16.63
C SER C 7 3.12 -9.71 -15.94
N PRO C 8 2.35 -10.78 -15.88
CA PRO C 8 0.94 -10.88 -16.28
C PRO C 8 0.02 -10.32 -15.21
N SER C 9 -1.30 -10.24 -15.47
CA SER C 9 -2.16 -9.82 -14.37
C SER C 9 -2.46 -10.97 -13.43
N SER C 10 -2.36 -12.19 -13.94
CA SER C 10 -2.60 -13.40 -13.18
C SER C 10 -1.67 -14.48 -13.69
N LEU C 11 -1.16 -15.28 -12.76
CA LEU C 11 -0.25 -16.37 -13.10
C LEU C 11 -0.64 -17.57 -12.25
N SER C 12 -0.71 -18.75 -12.86
CA SER C 12 -0.93 -19.99 -12.14
C SER C 12 0.40 -20.74 -12.11
N ALA C 13 0.89 -21.09 -10.91
CA ALA C 13 2.18 -21.77 -10.82
C ALA C 13 2.17 -22.82 -9.71
N SER C 14 3.17 -23.66 -9.72
CA SER C 14 3.32 -24.74 -8.76
C SER C 14 4.44 -24.41 -7.79
N VAL C 15 4.31 -24.96 -6.58
CA VAL C 15 5.44 -24.92 -5.65
C VAL C 15 6.70 -25.42 -6.35
N GLY C 16 7.79 -24.69 -6.18
CA GLY C 16 9.05 -25.04 -6.79
C GLY C 16 9.32 -24.35 -8.12
N ASP C 17 8.30 -23.75 -8.74
CA ASP C 17 8.51 -23.10 -10.02
C ASP C 17 9.32 -21.82 -9.86
N ARG C 18 10.14 -21.51 -10.86
CA ARG C 18 10.69 -20.17 -11.02
C ARG C 18 9.62 -19.26 -11.59
N VAL C 19 9.35 -18.13 -10.93
CA VAL C 19 8.28 -17.22 -11.28
C VAL C 19 8.90 -15.87 -11.60
N THR C 20 8.53 -15.29 -12.75
CA THR C 20 8.99 -13.95 -13.13
C THR C 20 7.78 -13.06 -13.41
N ILE C 21 7.74 -11.88 -12.79
CA ILE C 21 6.69 -10.89 -12.95
C ILE C 21 7.37 -9.62 -13.44
N THR C 22 6.83 -8.98 -14.47
CA THR C 22 7.47 -7.77 -14.96
C THR C 22 6.63 -6.53 -14.69
N CYS C 23 7.32 -5.39 -14.66
CA CYS C 23 6.70 -4.10 -14.39
C CYS C 23 7.32 -3.12 -15.38
N ARG C 24 6.50 -2.38 -16.10
CA ARG C 24 6.99 -1.39 -17.05
C ARG C 24 6.50 -0.02 -16.62
N ALA C 25 7.38 0.95 -16.66
CA ALA C 25 7.05 2.33 -16.35
C ALA C 25 6.94 3.08 -17.66
N SER C 26 6.05 4.06 -17.69
CA SER C 26 5.87 4.84 -18.92
C SER C 26 6.97 5.87 -19.19
N GLN C 27 7.85 6.13 -18.24
CA GLN C 27 9.06 6.88 -18.50
C GLN C 27 10.09 6.34 -17.53
N SER C 28 11.34 6.77 -17.73
CA SER C 28 12.39 6.21 -16.90
C SER C 28 12.17 6.62 -15.45
N ILE C 29 12.29 5.66 -14.54
CA ILE C 29 12.21 5.92 -13.12
C ILE C 29 13.54 5.55 -12.45
N SER C 30 14.60 5.47 -13.26
CA SER C 30 15.95 5.17 -12.76
C SER C 30 15.89 3.85 -11.98
N SER C 31 16.27 3.82 -10.71
CA SER C 31 16.20 2.61 -9.90
C SER C 31 15.09 2.62 -8.85
N TYR C 32 14.23 3.64 -8.83
CA TYR C 32 13.31 3.89 -7.70
C TYR C 32 12.04 3.08 -7.91
N LEU C 33 12.20 1.77 -7.73
CA LEU C 33 11.13 0.82 -8.01
C LEU C 33 11.06 -0.13 -6.83
N ASN C 34 9.83 -0.27 -6.28
CA ASN C 34 9.58 -1.07 -5.09
C ASN C 34 8.61 -2.18 -5.46
N TRP C 35 8.75 -3.33 -4.80
CA TRP C 35 7.80 -4.42 -4.97
C TRP C 35 7.21 -4.75 -3.62
N TYR C 36 5.89 -5.01 -3.61
CA TYR C 36 5.15 -5.37 -2.42
C TYR C 36 4.39 -6.67 -2.64
N GLN C 37 4.15 -7.37 -1.56
CA GLN C 37 3.27 -8.57 -1.52
C GLN C 37 2.04 -8.22 -0.71
N GLN C 38 0.87 -8.69 -1.16
CA GLN C 38 -0.32 -8.53 -0.33
C GLN C 38 -1.18 -9.79 -0.41
N LYS C 39 -1.60 -10.26 0.76
CA LYS C 39 -2.54 -11.38 0.84
C LYS C 39 -3.91 -10.87 1.24
N PRO C 40 -4.98 -11.59 0.88
CA PRO C 40 -6.33 -11.08 1.15
C PRO C 40 -6.53 -10.71 2.61
N GLY C 41 -7.06 -9.50 2.80
CA GLY C 41 -7.37 -9.00 4.13
C GLY C 41 -6.21 -8.40 4.90
N LYS C 42 -4.97 -8.55 4.41
CA LYS C 42 -3.77 -8.19 5.15
C LYS C 42 -3.09 -6.99 4.48
N ALA C 43 -2.26 -6.30 5.26
CA ALA C 43 -1.57 -5.13 4.74
C ALA C 43 -0.47 -5.55 3.75
N PRO C 44 -0.16 -4.70 2.78
CA PRO C 44 1.02 -4.93 1.92
C PRO C 44 2.29 -5.05 2.75
N LYS C 45 3.26 -5.74 2.16
CA LYS C 45 4.58 -5.95 2.76
C LYS C 45 5.63 -5.59 1.72
N LEU C 46 6.56 -4.75 2.10
CA LEU C 46 7.66 -4.38 1.20
C LEU C 46 8.63 -5.56 1.04
N LEU C 47 8.89 -5.94 -0.21
CA LEU C 47 9.85 -6.98 -0.50
C LEU C 47 11.20 -6.45 -0.98
N ILE C 48 11.13 -5.56 -1.95
CA ILE C 48 12.28 -5.08 -2.71
C ILE C 48 12.15 -3.57 -2.81
N TYR C 49 13.25 -2.85 -2.62
CA TYR C 49 13.27 -1.42 -2.92
C TYR C 49 14.54 -1.12 -3.72
N ALA C 50 14.58 0.07 -4.30
CA ALA C 50 15.73 0.45 -5.13
C ALA C 50 15.98 -0.57 -6.23
N ALA C 51 14.85 -1.12 -6.75
CA ALA C 51 14.79 -2.12 -7.83
C ALA C 51 15.35 -3.49 -7.49
N SER C 52 16.40 -3.56 -6.65
CA SER C 52 17.05 -4.85 -6.42
C SER C 52 17.48 -5.09 -4.98
N SER C 53 17.14 -4.21 -4.05
CA SER C 53 17.56 -4.36 -2.66
C SER C 53 16.49 -5.09 -1.87
N LEU C 54 16.89 -6.17 -1.21
CA LEU C 54 15.95 -6.99 -0.47
C LEU C 54 15.68 -6.36 0.88
N GLN C 55 14.42 -6.13 1.20
CA GLN C 55 14.06 -5.64 2.52
C GLN C 55 14.38 -6.68 3.60
N SER C 56 14.89 -6.21 4.75
CA SER C 56 15.24 -7.11 5.84
C SER C 56 14.09 -8.02 6.23
N GLY C 57 14.40 -9.30 6.41
CA GLY C 57 13.43 -10.31 6.74
C GLY C 57 12.76 -10.99 5.55
N VAL C 58 12.98 -10.51 4.34
CA VAL C 58 12.39 -11.12 3.16
C VAL C 58 13.33 -12.22 2.65
N PRO C 59 12.81 -13.40 2.33
CA PRO C 59 13.68 -14.50 1.86
C PRO C 59 14.39 -14.18 0.56
N SER C 60 15.64 -14.67 0.46
CA SER C 60 16.47 -14.36 -0.69
C SER C 60 16.00 -15.05 -1.96
N ARG C 61 15.00 -15.94 -1.90
CA ARG C 61 14.45 -16.40 -3.16
C ARG C 61 13.73 -15.29 -3.91
N PHE C 62 13.47 -14.15 -3.27
CA PHE C 62 12.93 -12.98 -3.97
C PHE C 62 14.09 -12.12 -4.46
N SER C 63 14.02 -11.72 -5.72
CA SER C 63 15.06 -10.83 -6.23
C SER C 63 14.44 -9.89 -7.23
N GLY C 64 15.04 -8.74 -7.39
CA GLY C 64 14.54 -7.75 -8.31
C GLY C 64 15.65 -7.33 -9.24
N SER C 65 15.26 -6.99 -10.46
CA SER C 65 16.23 -6.47 -11.40
C SER C 65 15.60 -5.41 -12.28
N GLY C 66 16.45 -4.72 -13.03
CA GLY C 66 15.99 -3.77 -14.02
C GLY C 66 16.38 -2.35 -13.64
N SER C 67 16.10 -1.46 -14.59
CA SER C 67 16.34 -0.05 -14.42
C SER C 67 15.56 0.67 -15.51
N GLY C 68 15.41 1.97 -15.34
CA GLY C 68 14.83 2.78 -16.40
C GLY C 68 13.35 2.55 -16.51
N THR C 69 12.93 1.82 -17.55
CA THR C 69 11.51 1.57 -17.77
C THR C 69 11.08 0.15 -17.53
N ASP C 70 11.99 -0.81 -17.37
CA ASP C 70 11.59 -2.20 -17.28
C ASP C 70 12.24 -2.91 -16.11
N PHE C 71 11.41 -3.61 -15.34
CA PHE C 71 11.80 -4.20 -14.06
C PHE C 71 11.21 -5.58 -13.95
N THR C 72 11.89 -6.44 -13.18
CA THR C 72 11.45 -7.81 -13.00
C THR C 72 11.53 -8.19 -11.53
N LEU C 73 10.50 -8.86 -11.02
CA LEU C 73 10.55 -9.55 -9.73
C LEU C 73 10.65 -11.02 -10.05
N THR C 74 11.64 -11.70 -9.47
CA THR C 74 11.81 -13.13 -9.69
C THR C 74 11.68 -13.83 -8.35
N ILE C 75 10.93 -14.92 -8.31
CA ILE C 75 10.91 -15.83 -7.19
C ILE C 75 11.58 -17.10 -7.69
N SER C 76 12.78 -17.39 -7.17
CA SER C 76 13.59 -18.46 -7.73
C SER C 76 12.92 -19.83 -7.60
N SER C 77 12.13 -20.04 -6.54
CA SER C 77 11.46 -21.32 -6.30
C SER C 77 10.23 -20.99 -5.47
N LEU C 78 9.04 -21.02 -6.09
CA LEU C 78 7.85 -20.58 -5.41
C LEU C 78 7.55 -21.49 -4.23
N GLN C 79 7.21 -20.89 -3.09
CA GLN C 79 6.90 -21.65 -1.89
C GLN C 79 5.45 -21.46 -1.49
N PRO C 80 4.89 -22.33 -0.64
CA PRO C 80 3.46 -22.23 -0.33
C PRO C 80 3.03 -20.89 0.22
N GLU C 81 3.90 -20.21 0.96
CA GLU C 81 3.50 -18.92 1.51
C GLU C 81 3.59 -17.79 0.50
N ASP C 82 3.98 -18.06 -0.76
CA ASP C 82 4.20 -16.99 -1.73
C ASP C 82 3.00 -16.75 -2.64
N PHE C 83 1.96 -17.56 -2.53
CA PHE C 83 0.78 -17.30 -3.34
C PHE C 83 0.07 -16.09 -2.77
N ALA C 84 -0.06 -15.06 -3.58
CA ALA C 84 -0.40 -13.72 -3.10
C ALA C 84 -0.52 -12.82 -4.30
N THR C 85 -0.85 -11.56 -4.07
CA THR C 85 -0.80 -10.56 -5.13
C THR C 85 0.45 -9.72 -4.94
N TYR C 86 1.14 -9.43 -6.03
CA TYR C 86 2.35 -8.63 -5.99
C TYR C 86 2.13 -7.31 -6.70
N TYR C 87 2.62 -6.20 -6.13
CA TYR C 87 2.52 -4.88 -6.76
C TYR C 87 3.87 -4.26 -6.93
N CYS C 88 4.06 -3.58 -8.06
CA CYS C 88 5.20 -2.69 -8.12
C CYS C 88 4.74 -1.26 -7.80
N GLN C 89 5.71 -0.41 -7.48
CA GLN C 89 5.38 1.00 -7.20
C GLN C 89 6.61 1.84 -7.50
N GLN C 90 6.46 2.88 -8.36
CA GLN C 90 7.60 3.75 -8.59
C GLN C 90 7.64 4.83 -7.53
N SER C 91 8.86 5.16 -7.10
CA SER C 91 9.04 6.21 -6.09
C SER C 91 10.10 7.18 -6.59
N TYR C 92 10.21 7.28 -7.92
CA TYR C 92 11.09 8.24 -8.59
C TYR C 92 10.55 9.65 -8.50
N SER C 93 9.24 9.79 -8.68
CA SER C 93 8.61 11.11 -8.78
C SER C 93 8.47 11.75 -7.41
N THR C 94 7.99 13.00 -7.38
CA THR C 94 7.49 13.52 -6.11
C THR C 94 6.33 12.67 -5.64
N PRO C 95 5.97 12.77 -4.36
CA PRO C 95 4.82 11.98 -3.86
C PRO C 95 3.53 12.30 -4.58
N ARG C 96 3.39 13.50 -5.16
CA ARG C 96 2.21 13.82 -5.93
C ARG C 96 1.95 12.82 -7.04
N GLN C 97 3.01 12.21 -7.57
CA GLN C 97 2.86 11.34 -8.72
C GLN C 97 3.22 9.89 -8.43
N TRP C 98 3.47 9.49 -7.19
CA TRP C 98 3.77 8.08 -6.91
C TRP C 98 2.63 7.20 -7.39
N THR C 99 3.00 6.09 -8.04
CA THR C 99 2.00 5.23 -8.65
C THR C 99 2.39 3.76 -8.47
N PHE C 100 1.36 2.93 -8.26
CA PHE C 100 1.47 1.49 -8.22
C PHE C 100 1.04 0.88 -9.56
N GLY C 101 1.62 -0.27 -9.87
CA GLY C 101 1.03 -1.11 -10.90
C GLY C 101 -0.26 -1.75 -10.40
N GLN C 102 -0.92 -2.45 -11.31
CA GLN C 102 -2.28 -2.94 -11.04
C GLN C 102 -2.29 -4.24 -10.26
N GLY C 103 -1.16 -4.86 -10.05
CA GLY C 103 -1.11 -6.11 -9.31
C GLY C 103 -1.00 -7.31 -10.23
N THR C 104 -0.33 -8.33 -9.72
CA THR C 104 -0.22 -9.64 -10.37
C THR C 104 -0.58 -10.65 -9.31
N LYS C 105 -1.66 -11.44 -9.54
CA LYS C 105 -2.05 -12.46 -8.57
C LYS C 105 -1.41 -13.78 -8.97
N VAL C 106 -0.68 -14.37 -8.05
CA VAL C 106 -0.04 -15.66 -8.27
C VAL C 106 -0.89 -16.69 -7.55
N GLU C 107 -1.55 -17.57 -8.33
CA GLU C 107 -2.42 -18.60 -7.77
C GLU C 107 -1.78 -19.97 -7.98
N ILE C 108 -2.37 -20.99 -7.33
CA ILE C 108 -1.82 -22.33 -7.35
C ILE C 108 -2.37 -23.08 -8.56
N LYS C 109 -1.47 -23.63 -9.36
CA LYS C 109 -1.87 -24.51 -10.46
C LYS C 109 -2.24 -25.90 -9.93
N ARG C 110 -3.33 -26.47 -10.44
CA ARG C 110 -3.65 -27.86 -10.14
C ARG C 110 -4.35 -28.43 -11.36
N THR C 111 -4.70 -29.72 -11.30
CA THR C 111 -5.42 -30.32 -12.42
C THR C 111 -6.84 -29.79 -12.47
N VAL C 112 -7.39 -29.80 -13.69
CA VAL C 112 -8.76 -29.37 -13.90
C VAL C 112 -9.70 -30.23 -13.06
N ALA C 113 -10.66 -29.57 -12.41
CA ALA C 113 -11.66 -30.24 -11.59
C ALA C 113 -13.02 -29.65 -11.90
N ALA C 114 -13.95 -30.49 -12.35
CA ALA C 114 -15.28 -29.99 -12.64
C ALA C 114 -16.02 -29.69 -11.34
N PRO C 115 -16.89 -28.70 -11.33
CA PRO C 115 -17.68 -28.44 -10.12
C PRO C 115 -18.73 -29.50 -9.90
N SER C 116 -19.02 -29.78 -8.64
CA SER C 116 -20.28 -30.41 -8.30
CA SER C 116 -20.28 -30.40 -8.26
C SER C 116 -21.31 -29.30 -8.16
N VAL C 117 -22.53 -29.55 -8.66
CA VAL C 117 -23.52 -28.50 -8.78
C VAL C 117 -24.73 -28.91 -7.94
N PHE C 118 -25.21 -27.96 -7.17
CA PHE C 118 -26.32 -28.17 -6.24
C PHE C 118 -27.29 -27.00 -6.36
N ILE C 119 -28.59 -27.25 -6.23
CA ILE C 119 -29.56 -26.16 -6.26
C ILE C 119 -30.48 -26.22 -5.06
N PHE C 120 -30.85 -25.03 -4.57
CA PHE C 120 -31.69 -24.84 -3.40
C PHE C 120 -32.87 -23.95 -3.75
N PRO C 121 -34.09 -24.46 -3.73
CA PRO C 121 -35.27 -23.58 -3.83
C PRO C 121 -35.33 -22.61 -2.66
N PRO C 122 -36.14 -21.58 -2.76
CA PRO C 122 -36.33 -20.69 -1.61
C PRO C 122 -37.02 -21.44 -0.49
N SER C 123 -36.66 -21.09 0.74
CA SER C 123 -37.27 -21.66 1.93
C SER C 123 -38.69 -21.14 2.10
N ASP C 124 -39.54 -21.96 2.70
CA ASP C 124 -40.89 -21.48 2.95
C ASP C 124 -40.89 -20.33 3.94
N GLU C 125 -39.90 -20.30 4.84
CA GLU C 125 -39.75 -19.16 5.73
C GLU C 125 -39.52 -17.88 4.94
N GLN C 126 -38.60 -17.91 3.96
CA GLN C 126 -38.37 -16.69 3.19
C GLN C 126 -39.59 -16.30 2.36
N LEU C 127 -40.26 -17.29 1.76
CA LEU C 127 -41.41 -16.97 0.93
C LEU C 127 -42.50 -16.25 1.74
N LYS C 128 -42.64 -16.62 3.02
CA LYS C 128 -43.57 -15.92 3.90
C LYS C 128 -43.28 -14.42 3.96
N SER C 129 -42.03 -14.02 3.75
CA SER C 129 -41.61 -12.63 3.83
C SER C 129 -41.77 -11.88 2.51
N GLY C 130 -42.14 -12.55 1.44
CA GLY C 130 -42.40 -11.87 0.17
C GLY C 130 -41.27 -11.87 -0.85
N THR C 131 -40.18 -12.60 -0.60
CA THR C 131 -39.09 -12.69 -1.58
C THR C 131 -38.68 -14.15 -1.75
N ALA C 132 -38.11 -14.45 -2.92
CA ALA C 132 -37.66 -15.79 -3.25
C ALA C 132 -36.22 -15.72 -3.72
N SER C 133 -35.31 -16.36 -2.99
CA SER C 133 -33.92 -16.47 -3.39
C SER C 133 -33.69 -17.92 -3.77
N VAL C 134 -33.21 -18.14 -4.98
CA VAL C 134 -32.85 -19.47 -5.45
C VAL C 134 -31.33 -19.53 -5.54
N VAL C 135 -30.72 -20.53 -4.91
CA VAL C 135 -29.25 -20.57 -4.82
C VAL C 135 -28.74 -21.77 -5.60
N CYS C 136 -27.75 -21.52 -6.46
CA CYS C 136 -27.02 -22.54 -7.19
C CYS C 136 -25.59 -22.54 -6.67
N LEU C 137 -25.09 -23.68 -6.28
CA LEU C 137 -23.75 -23.81 -5.72
C LEU C 137 -22.89 -24.62 -6.69
N LEU C 138 -21.73 -24.11 -7.02
CA LEU C 138 -20.72 -24.83 -7.80
C LEU C 138 -19.58 -25.08 -6.83
N ASN C 139 -19.31 -26.32 -6.52
CA ASN C 139 -18.39 -26.59 -5.44
C ASN C 139 -17.09 -27.22 -5.94
N ASN C 140 -15.97 -26.67 -5.46
CA ASN C 140 -14.65 -27.28 -5.50
C ASN C 140 -14.19 -27.57 -6.94
N PHE C 141 -14.04 -26.50 -7.71
CA PHE C 141 -13.68 -26.64 -9.12
C PHE C 141 -12.40 -25.88 -9.42
N TYR C 142 -11.79 -26.23 -10.57
CA TYR C 142 -10.57 -25.50 -11.01
C TYR C 142 -10.50 -25.67 -12.53
N PRO C 143 -10.18 -24.62 -13.30
CA PRO C 143 -9.83 -23.27 -12.88
C PRO C 143 -11.03 -22.42 -12.49
N ARG C 144 -10.76 -21.17 -12.16
CA ARG C 144 -11.76 -20.30 -11.56
C ARG C 144 -12.85 -19.93 -12.54
N GLU C 145 -12.54 -19.86 -13.83
CA GLU C 145 -13.50 -19.42 -14.83
C GLU C 145 -14.68 -20.40 -14.93
N ALA C 146 -15.88 -19.87 -14.78
CA ALA C 146 -17.09 -20.68 -14.82
C ALA C 146 -18.22 -19.81 -15.31
N LYS C 147 -19.21 -20.44 -15.94
CA LYS C 147 -20.37 -19.68 -16.37
C LYS C 147 -21.61 -20.34 -15.78
N VAL C 148 -22.45 -19.51 -15.16
CA VAL C 148 -23.72 -19.96 -14.62
C VAL C 148 -24.81 -19.12 -15.23
N GLN C 149 -25.81 -19.77 -15.78
CA GLN C 149 -26.95 -19.07 -16.34
C GLN C 149 -28.22 -19.67 -15.75
N TRP C 150 -29.12 -18.79 -15.35
CA TRP C 150 -30.44 -19.22 -14.89
C TRP C 150 -31.44 -19.33 -16.04
N LYS C 151 -32.33 -20.31 -15.94
CA LYS C 151 -33.44 -20.47 -16.87
C LYS C 151 -34.71 -20.65 -16.04
N VAL C 152 -35.74 -19.87 -16.35
CA VAL C 152 -37.03 -19.96 -15.67
C VAL C 152 -38.04 -20.31 -16.75
N ASP C 153 -38.71 -21.45 -16.60
CA ASP C 153 -39.59 -22.00 -17.65
C ASP C 153 -38.89 -21.97 -19.01
N ASN C 154 -37.60 -22.38 -19.00
CA ASN C 154 -36.72 -22.54 -20.15
C ASN C 154 -36.29 -21.21 -20.77
N ALA C 155 -36.62 -20.09 -20.15
CA ALA C 155 -36.21 -18.77 -20.59
C ALA C 155 -34.91 -18.37 -19.89
N LEU C 156 -33.85 -18.14 -20.66
CA LEU C 156 -32.59 -17.67 -20.09
C LEU C 156 -32.80 -16.32 -19.41
N GLN C 157 -32.39 -16.22 -18.14
CA GLN C 157 -32.47 -14.99 -17.36
C GLN C 157 -31.21 -14.14 -17.52
N SER C 158 -31.37 -12.84 -17.26
CA SER C 158 -30.22 -11.96 -17.08
C SER C 158 -30.66 -10.82 -16.17
N GLY C 159 -29.72 -10.32 -15.39
CA GLY C 159 -29.95 -9.16 -14.55
C GLY C 159 -30.44 -9.44 -13.15
N ASN C 160 -30.93 -10.64 -12.86
CA ASN C 160 -31.58 -10.87 -11.57
C ASN C 160 -30.80 -11.85 -10.72
N SER C 161 -29.51 -11.98 -10.96
CA SER C 161 -28.67 -12.89 -10.18
C SER C 161 -27.41 -12.19 -9.76
N GLN C 162 -26.84 -12.62 -8.64
CA GLN C 162 -25.52 -12.17 -8.22
C GLN C 162 -24.68 -13.39 -7.87
N GLU C 163 -23.38 -13.29 -8.16
CA GLU C 163 -22.41 -14.35 -7.94
C GLU C 163 -21.39 -13.94 -6.89
N SER C 164 -20.90 -14.94 -6.16
CA SER C 164 -19.79 -14.78 -5.25
C SER C 164 -18.85 -15.97 -5.39
N VAL C 165 -17.55 -15.74 -5.31
CA VAL C 165 -16.55 -16.79 -5.46
C VAL C 165 -15.59 -16.74 -4.28
N THR C 166 -15.22 -17.91 -3.76
CA THR C 166 -14.26 -18.01 -2.68
C THR C 166 -12.87 -17.76 -3.19
N GLU C 167 -11.98 -17.44 -2.24
CA GLU C 167 -10.56 -17.50 -2.56
C GLU C 167 -10.15 -18.95 -2.70
N GLN C 168 -9.05 -19.16 -3.40
CA GLN C 168 -8.59 -20.50 -3.65
C GLN C 168 -8.35 -21.25 -2.35
N ASP C 169 -8.83 -22.50 -2.26
CA ASP C 169 -8.65 -23.25 -1.04
C ASP C 169 -7.18 -23.60 -0.85
N SER C 170 -6.63 -23.35 0.34
CA SER C 170 -5.19 -23.56 0.46
C SER C 170 -4.83 -25.04 0.45
N LYS C 171 -5.79 -25.91 0.73
CA LYS C 171 -5.53 -27.34 0.84
C LYS C 171 -5.81 -28.13 -0.44
N ASP C 172 -6.89 -27.85 -1.17
CA ASP C 172 -7.08 -28.53 -2.44
C ASP C 172 -7.01 -27.63 -3.66
N SER C 173 -6.73 -26.34 -3.47
CA SER C 173 -6.46 -25.41 -4.55
C SER C 173 -7.68 -25.19 -5.44
N THR C 174 -8.88 -25.50 -4.96
CA THR C 174 -10.08 -25.26 -5.77
C THR C 174 -10.77 -23.98 -5.38
N TYR C 175 -11.75 -23.62 -6.20
CA TYR C 175 -12.66 -22.51 -5.97
C TYR C 175 -14.06 -23.05 -5.80
N SER C 176 -14.91 -22.27 -5.12
CA SER C 176 -16.34 -22.55 -5.11
C SER C 176 -17.08 -21.25 -5.43
N LEU C 177 -18.31 -21.39 -5.91
CA LEU C 177 -19.02 -20.23 -6.42
C LEU C 177 -20.50 -20.38 -6.11
N SER C 178 -21.14 -19.31 -5.67
CA SER C 178 -22.59 -19.30 -5.51
C SER C 178 -23.18 -18.36 -6.53
N SER C 179 -24.34 -18.72 -7.06
CA SER C 179 -25.13 -17.78 -7.84
C SER C 179 -26.51 -17.74 -7.22
N THR C 180 -27.02 -16.55 -6.95
CA THR C 180 -28.31 -16.41 -6.29
C THR C 180 -29.26 -15.64 -7.19
N LEU C 181 -30.37 -16.27 -7.55
CA LEU C 181 -31.42 -15.63 -8.32
C LEU C 181 -32.45 -15.08 -7.33
N THR C 182 -32.79 -13.80 -7.45
CA THR C 182 -33.70 -13.17 -6.49
C THR C 182 -34.91 -12.62 -7.24
N LEU C 183 -36.09 -13.10 -6.87
CA LEU C 183 -37.36 -12.67 -7.43
C LEU C 183 -38.29 -12.27 -6.30
N SER C 184 -39.26 -11.41 -6.60
CA SER C 184 -40.34 -11.25 -5.63
C SER C 184 -41.13 -12.55 -5.52
N LYS C 185 -41.89 -12.70 -4.42
CA LYS C 185 -42.71 -13.89 -4.28
C LYS C 185 -43.73 -13.99 -5.40
N ALA C 186 -44.30 -12.85 -5.80
CA ALA C 186 -45.31 -12.87 -6.85
C ALA C 186 -44.73 -13.36 -8.17
N ASP C 187 -43.52 -12.89 -8.51
CA ASP C 187 -42.89 -13.35 -9.74
C ASP C 187 -42.53 -14.82 -9.63
N TYR C 188 -41.94 -15.22 -8.51
CA TYR C 188 -41.60 -16.62 -8.31
C TYR C 188 -42.81 -17.50 -8.57
N GLU C 189 -43.98 -17.05 -8.14
CA GLU C 189 -45.16 -17.88 -8.24
C GLU C 189 -45.77 -17.91 -9.63
N LYS C 190 -45.25 -17.11 -10.55
CA LYS C 190 -45.75 -17.11 -11.92
C LYS C 190 -45.10 -18.16 -12.80
N HIS C 191 -44.14 -18.91 -12.28
CA HIS C 191 -43.36 -19.81 -13.11
C HIS C 191 -43.15 -21.11 -12.38
N LYS C 192 -42.88 -22.15 -13.17
CA LYS C 192 -42.79 -23.50 -12.64
C LYS C 192 -41.35 -24.00 -12.56
N VAL C 193 -40.60 -24.02 -13.66
CA VAL C 193 -39.31 -24.69 -13.74
C VAL C 193 -38.20 -23.67 -13.50
N TYR C 194 -37.37 -23.94 -12.50
CA TYR C 194 -36.23 -23.13 -12.15
C TYR C 194 -34.97 -23.97 -12.34
N ALA C 195 -34.03 -23.45 -13.12
CA ALA C 195 -32.86 -24.24 -13.48
C ALA C 195 -31.63 -23.34 -13.50
N CYS C 196 -30.52 -23.89 -13.04
CA CYS C 196 -29.24 -23.22 -13.26
C CYS C 196 -28.41 -24.15 -14.12
N GLU C 197 -27.77 -23.60 -15.14
CA GLU C 197 -26.96 -24.34 -16.09
C GLU C 197 -25.52 -23.86 -15.97
N VAL C 198 -24.61 -24.81 -15.77
CA VAL C 198 -23.22 -24.54 -15.43
C VAL C 198 -22.34 -25.01 -16.58
N THR C 199 -21.43 -24.14 -17.03
CA THR C 199 -20.44 -24.54 -18.03
C THR C 199 -19.07 -24.29 -17.43
N HIS C 200 -18.17 -25.25 -17.65
CA HIS C 200 -16.86 -25.16 -17.05
C HIS C 200 -15.93 -26.06 -17.85
N GLN C 201 -14.65 -25.69 -17.89
CA GLN C 201 -13.69 -26.45 -18.68
C GLN C 201 -13.71 -27.94 -18.32
N GLY C 202 -13.99 -28.28 -17.06
CA GLY C 202 -13.98 -29.66 -16.63
C GLY C 202 -15.20 -30.47 -17.00
N LEU C 203 -16.22 -29.83 -17.58
CA LEU C 203 -17.48 -30.45 -17.93
C LEU C 203 -17.56 -30.62 -19.44
N SER C 204 -17.76 -31.85 -19.90
CA SER C 204 -17.92 -32.07 -21.35
C SER C 204 -19.23 -31.49 -21.85
N SER C 205 -20.23 -31.40 -20.98
CA SER C 205 -21.55 -30.95 -21.31
C SER C 205 -21.97 -30.04 -20.17
N PRO C 206 -22.68 -28.95 -20.45
CA PRO C 206 -23.19 -28.11 -19.36
C PRO C 206 -24.08 -28.93 -18.44
N VAL C 207 -23.98 -28.67 -17.15
CA VAL C 207 -24.74 -29.40 -16.14
C VAL C 207 -25.91 -28.52 -15.74
N THR C 208 -27.12 -29.08 -15.76
CA THR C 208 -28.29 -28.33 -15.32
C THR C 208 -28.83 -29.02 -14.08
N LYS C 209 -29.09 -28.21 -13.06
CA LYS C 209 -29.84 -28.63 -11.89
C LYS C 209 -31.13 -27.83 -11.91
N SER C 210 -32.26 -28.50 -11.71
CA SER C 210 -33.53 -27.81 -11.82
C SER C 210 -34.51 -28.39 -10.83
N PHE C 211 -35.56 -27.62 -10.58
CA PHE C 211 -36.70 -28.10 -9.79
C PHE C 211 -37.96 -27.43 -10.32
N ASN C 212 -39.09 -28.06 -10.01
CA ASN C 212 -40.40 -27.44 -10.27
C ASN C 212 -40.90 -26.83 -8.98
N ARG C 213 -41.34 -25.57 -9.06
CA ARG C 213 -41.92 -24.93 -7.88
C ARG C 213 -43.07 -25.77 -7.34
N GLY C 214 -43.04 -26.04 -6.04
CA GLY C 214 -44.08 -26.78 -5.37
C GLY C 214 -43.91 -28.29 -5.33
N GLU C 215 -42.82 -28.83 -5.88
CA GLU C 215 -42.69 -30.28 -6.00
C GLU C 215 -42.39 -30.98 -4.67
N CYS C 216 -42.24 -30.26 -3.57
CA CYS C 216 -42.01 -30.91 -2.28
C CYS C 216 -43.25 -30.94 -1.38
#